data_2KL1
#
_entry.id   2KL1
#
_entity_poly.entity_id   1
_entity_poly.type   'polypeptide(L)'
_entity_poly.pdbx_seq_one_letter_code
;MNEAKGVYVMSVLPNMPAAGRLEAGDRIAAIDGQPINTSEQIVSYVREKQAGDRVRVTFIRDRKQHEAELVLKPFPHHPN
QIGLGVTLEHHHHH
;
_entity_poly.pdbx_strand_id   A
#
# COMPACT_ATOMS: atom_id res chain seq x y z
N MET A 1 14.12 -13.49 6.59
CA MET A 1 15.36 -14.09 7.15
C MET A 1 16.45 -14.04 6.09
N ASN A 2 16.42 -13.00 5.25
CA ASN A 2 17.42 -12.84 4.20
C ASN A 2 17.45 -11.39 3.69
N GLU A 3 17.25 -10.44 4.60
CA GLU A 3 17.26 -9.03 4.24
C GLU A 3 16.28 -8.75 3.10
N ALA A 4 15.00 -8.68 3.44
CA ALA A 4 13.95 -8.42 2.45
C ALA A 4 14.14 -7.07 1.76
N LYS A 5 14.05 -5.99 2.54
CA LYS A 5 14.19 -4.63 2.00
C LYS A 5 13.12 -4.36 0.93
N GLY A 6 11.94 -3.90 1.38
CA GLY A 6 10.83 -3.59 0.48
C GLY A 6 10.48 -2.10 0.51
N VAL A 7 9.37 -1.77 1.17
CA VAL A 7 8.90 -0.39 1.28
C VAL A 7 8.47 -0.10 2.71
N TYR A 8 8.76 1.13 3.17
CA TYR A 8 8.41 1.54 4.54
C TYR A 8 7.16 2.42 4.53
N VAL A 9 6.14 2.01 5.28
CA VAL A 9 4.89 2.75 5.34
C VAL A 9 5.15 4.25 5.54
N MET A 10 4.12 5.07 5.30
CA MET A 10 4.23 6.53 5.41
C MET A 10 3.56 7.04 6.69
N SER A 11 2.24 6.99 6.73
CA SER A 11 1.48 7.48 7.89
C SER A 11 0.12 6.82 7.98
N VAL A 12 -0.62 7.12 9.06
CA VAL A 12 -1.97 6.57 9.28
C VAL A 12 -2.94 7.74 9.36
N LEU A 13 -3.74 7.92 8.31
CA LEU A 13 -4.70 9.02 8.25
C LEU A 13 -6.09 8.56 8.75
N PRO A 14 -6.83 9.41 9.44
CA PRO A 14 -8.19 9.02 9.95
C PRO A 14 -9.24 8.94 8.83
N ASN A 15 -10.29 8.18 9.08
CA ASN A 15 -11.37 8.00 8.11
C ASN A 15 -10.87 7.45 6.78
N MET A 16 -9.82 6.61 6.82
CA MET A 16 -9.24 6.01 5.61
C MET A 16 -9.27 4.47 5.69
N PRO A 17 -9.34 3.79 4.56
CA PRO A 17 -9.40 2.29 4.53
C PRO A 17 -8.15 1.63 5.10
N ALA A 18 -7.06 2.38 5.21
CA ALA A 18 -5.80 1.85 5.75
C ALA A 18 -5.78 1.91 7.29
N ALA A 19 -6.56 2.83 7.84
CA ALA A 19 -6.62 3.00 9.30
C ALA A 19 -7.24 1.77 9.96
N GLY A 20 -6.57 1.27 11.00
CA GLY A 20 -7.04 0.09 11.75
C GLY A 20 -6.47 -1.19 11.16
N ARG A 21 -6.05 -1.13 9.90
CA ARG A 21 -5.48 -2.30 9.21
C ARG A 21 -3.98 -2.15 9.06
N LEU A 22 -3.55 -0.95 8.67
CA LEU A 22 -2.14 -0.63 8.47
C LEU A 22 -1.70 0.43 9.47
N GLU A 23 -0.49 0.29 10.02
CA GLU A 23 0.04 1.25 11.00
C GLU A 23 1.45 1.68 10.63
N ALA A 24 1.85 2.82 11.17
CA ALA A 24 3.18 3.35 10.91
C ALA A 24 4.23 2.42 11.51
N GLY A 25 5.26 2.12 10.73
CA GLY A 25 6.34 1.22 11.17
C GLY A 25 6.28 -0.11 10.43
N ASP A 26 5.09 -0.43 9.92
CA ASP A 26 4.90 -1.68 9.17
C ASP A 26 5.41 -1.56 7.73
N ARG A 27 5.98 -2.64 7.19
CA ARG A 27 6.50 -2.64 5.81
C ARG A 27 5.63 -3.51 4.90
N ILE A 28 5.76 -3.29 3.59
CA ILE A 28 4.99 -4.06 2.61
C ILE A 28 5.86 -5.20 2.04
N ALA A 29 5.44 -6.44 2.32
CA ALA A 29 6.16 -7.62 1.85
C ALA A 29 5.62 -8.10 0.50
N ALA A 30 4.43 -7.61 0.14
CA ALA A 30 3.82 -7.99 -1.13
C ALA A 30 2.45 -7.34 -1.29
N ILE A 31 1.91 -7.42 -2.52
CA ILE A 31 0.58 -6.88 -2.82
C ILE A 31 -0.19 -7.88 -3.69
N ASP A 32 -1.39 -8.23 -3.24
CA ASP A 32 -2.24 -9.16 -3.96
C ASP A 32 -1.45 -10.41 -4.40
N GLY A 33 -0.36 -10.67 -3.70
CA GLY A 33 0.50 -11.84 -4.00
C GLY A 33 1.75 -11.45 -4.80
N GLN A 34 1.80 -10.19 -5.23
CA GLN A 34 2.94 -9.69 -6.03
C GLN A 34 4.08 -9.18 -5.12
N PRO A 35 5.30 -9.64 -5.28
CA PRO A 35 6.45 -9.16 -4.43
C PRO A 35 6.95 -7.79 -4.87
N ILE A 36 7.01 -6.85 -3.92
CA ILE A 36 7.45 -5.47 -4.21
C ILE A 36 8.89 -5.24 -3.79
N ASN A 37 9.70 -4.87 -4.79
CA ASN A 37 11.14 -4.59 -4.59
C ASN A 37 11.45 -3.12 -4.91
N THR A 38 10.56 -2.46 -5.67
CA THR A 38 10.77 -1.05 -6.04
C THR A 38 9.50 -0.24 -5.83
N SER A 39 9.67 1.06 -5.64
CA SER A 39 8.55 1.96 -5.45
C SER A 39 7.80 2.13 -6.76
N GLU A 40 8.54 2.06 -7.87
CA GLU A 40 7.94 2.20 -9.19
C GLU A 40 6.99 1.05 -9.48
N GLN A 41 7.29 -0.12 -8.95
CA GLN A 41 6.44 -1.28 -9.17
C GLN A 41 5.04 -0.98 -8.67
N ILE A 42 4.93 -0.15 -7.63
CA ILE A 42 3.65 0.21 -7.06
C ILE A 42 2.87 1.14 -7.99
N VAL A 43 3.59 1.93 -8.78
CA VAL A 43 2.97 2.87 -9.71
C VAL A 43 2.24 2.13 -10.82
N SER A 44 2.83 1.05 -11.30
CA SER A 44 2.20 0.28 -12.36
C SER A 44 0.97 -0.44 -11.80
N TYR A 45 1.12 -0.96 -10.59
CA TYR A 45 0.04 -1.69 -9.94
C TYR A 45 -1.22 -0.81 -9.86
N VAL A 46 -1.09 0.35 -9.24
CA VAL A 46 -2.22 1.26 -9.11
C VAL A 46 -2.75 1.67 -10.48
N ARG A 47 -1.84 1.82 -11.43
CA ARG A 47 -2.24 2.22 -12.78
C ARG A 47 -3.24 1.23 -13.35
N GLU A 48 -3.00 -0.06 -13.13
CA GLU A 48 -3.90 -1.10 -13.64
C GLU A 48 -5.30 -0.93 -13.04
N LYS A 49 -5.35 -0.65 -11.74
CA LYS A 49 -6.63 -0.49 -11.05
C LYS A 49 -7.09 0.97 -11.11
N GLN A 50 -8.41 1.18 -11.03
CA GLN A 50 -9.00 2.52 -11.08
C GLN A 50 -9.63 2.90 -9.75
N ALA A 51 -10.27 4.08 -9.70
CA ALA A 51 -10.90 4.55 -8.49
C ALA A 51 -12.08 3.66 -8.14
N GLY A 52 -12.23 3.36 -6.84
CA GLY A 52 -13.32 2.51 -6.38
C GLY A 52 -12.92 1.05 -6.42
N ASP A 53 -11.67 0.78 -6.83
CA ASP A 53 -11.19 -0.60 -6.91
C ASP A 53 -10.89 -1.15 -5.52
N ARG A 54 -10.45 -2.40 -5.47
CA ARG A 54 -10.12 -3.07 -4.21
C ARG A 54 -8.87 -3.89 -4.40
N VAL A 55 -7.86 -3.62 -3.57
CA VAL A 55 -6.57 -4.32 -3.66
C VAL A 55 -6.13 -4.85 -2.30
N ARG A 56 -5.68 -6.10 -2.32
CA ARG A 56 -5.20 -6.78 -1.12
C ARG A 56 -3.72 -6.49 -0.95
N VAL A 57 -3.35 -5.92 0.20
CA VAL A 57 -1.94 -5.56 0.48
C VAL A 57 -1.40 -6.36 1.66
N THR A 58 -0.22 -6.97 1.47
CA THR A 58 0.42 -7.78 2.52
C THR A 58 1.45 -6.94 3.26
N PHE A 59 1.45 -7.05 4.59
CA PHE A 59 2.44 -6.31 5.41
C PHE A 59 2.81 -7.15 6.63
N ILE A 60 4.03 -6.98 7.16
CA ILE A 60 4.49 -7.75 8.34
C ILE A 60 4.66 -6.81 9.54
N ARG A 61 4.21 -7.28 10.71
CA ARG A 61 4.33 -6.53 11.95
C ARG A 61 4.77 -7.48 13.08
N ASP A 62 5.91 -7.17 13.67
CA ASP A 62 6.43 -7.99 14.78
C ASP A 62 6.44 -9.47 14.40
N ARG A 63 6.79 -9.76 13.14
CA ARG A 63 6.84 -11.14 12.66
C ARG A 63 5.43 -11.71 12.45
N LYS A 64 4.41 -10.85 12.47
CA LYS A 64 3.03 -11.29 12.27
C LYS A 64 2.49 -10.79 10.93
N GLN A 65 2.49 -11.67 9.94
CA GLN A 65 2.02 -11.32 8.60
C GLN A 65 0.49 -11.15 8.56
N HIS A 66 0.06 -10.00 8.04
CA HIS A 66 -1.38 -9.69 7.93
C HIS A 66 -1.68 -8.89 6.67
N GLU A 67 -2.80 -9.22 6.04
CA GLU A 67 -3.25 -8.56 4.82
C GLU A 67 -4.12 -7.36 5.15
N ALA A 68 -4.01 -6.33 4.31
CA ALA A 68 -4.78 -5.09 4.47
C ALA A 68 -5.61 -4.78 3.22
N GLU A 69 -6.88 -4.48 3.45
CA GLU A 69 -7.81 -4.17 2.36
C GLU A 69 -7.85 -2.66 2.12
N LEU A 70 -7.22 -2.24 1.01
CA LEU A 70 -7.17 -0.83 0.63
C LEU A 70 -8.00 -0.59 -0.63
N VAL A 71 -8.61 0.59 -0.70
CA VAL A 71 -9.44 0.98 -1.85
C VAL A 71 -8.80 2.18 -2.56
N LEU A 72 -8.67 2.06 -3.86
CA LEU A 72 -8.09 3.12 -4.68
C LEU A 72 -8.97 4.37 -4.67
N LYS A 73 -8.36 5.54 -4.45
CA LYS A 73 -9.12 6.81 -4.42
C LYS A 73 -8.31 7.91 -5.14
N PRO A 74 -8.94 8.79 -5.91
CA PRO A 74 -8.24 9.89 -6.65
C PRO A 74 -7.81 11.02 -5.70
N PHE A 75 -6.87 11.85 -6.18
CA PHE A 75 -6.35 12.97 -5.37
C PHE A 75 -6.59 14.31 -6.08
N PRO A 76 -6.85 15.38 -5.35
CA PRO A 76 -7.10 16.72 -5.98
C PRO A 76 -5.84 17.27 -6.68
N HIS A 77 -4.67 16.88 -6.19
CA HIS A 77 -3.41 17.33 -6.77
C HIS A 77 -3.23 16.73 -8.16
N HIS A 78 -3.74 15.51 -8.33
CA HIS A 78 -3.64 14.80 -9.60
C HIS A 78 -4.87 13.90 -9.79
N PRO A 79 -6.01 14.48 -10.11
CA PRO A 79 -7.28 13.72 -10.31
C PRO A 79 -7.12 12.61 -11.36
N ASN A 80 -6.22 12.84 -12.31
CA ASN A 80 -5.96 11.88 -13.39
C ASN A 80 -4.99 10.81 -12.93
N GLN A 81 -4.82 10.68 -11.61
CA GLN A 81 -3.92 9.68 -11.04
C GLN A 81 -4.64 8.96 -9.90
N ILE A 82 -4.45 7.64 -9.83
CA ILE A 82 -5.10 6.81 -8.80
C ILE A 82 -4.03 6.14 -7.94
N GLY A 83 -4.20 6.18 -6.61
CA GLY A 83 -3.25 5.54 -5.71
C GLY A 83 -1.80 5.92 -6.02
N LEU A 84 -1.21 6.77 -5.18
CA LEU A 84 0.18 7.16 -5.38
C LEU A 84 1.07 6.31 -4.47
N GLY A 85 0.42 5.40 -3.74
CA GLY A 85 1.08 4.49 -2.81
C GLY A 85 1.14 5.08 -1.41
N VAL A 86 0.00 5.58 -0.95
CA VAL A 86 -0.11 6.18 0.40
C VAL A 86 -0.91 5.25 1.30
N THR A 87 -0.59 5.28 2.60
CA THR A 87 -1.27 4.45 3.59
C THR A 87 -2.31 5.28 4.35
N MET A 1 22.27 -9.13 9.81
CA MET A 1 22.07 -10.59 9.58
C MET A 1 21.24 -10.80 8.33
N ASN A 2 20.04 -10.20 8.31
CA ASN A 2 19.15 -10.32 7.16
C ASN A 2 19.57 -9.38 6.05
N GLU A 3 18.81 -9.37 4.95
CA GLU A 3 19.12 -8.51 3.80
C GLU A 3 17.91 -8.40 2.88
N ALA A 4 17.84 -7.29 2.14
CA ALA A 4 16.73 -7.04 1.20
C ALA A 4 15.46 -6.61 1.95
N LYS A 5 14.59 -5.89 1.24
CA LYS A 5 13.34 -5.42 1.83
C LYS A 5 12.36 -4.94 0.76
N GLY A 6 11.19 -4.43 1.21
CA GLY A 6 10.15 -3.92 0.30
C GLY A 6 9.96 -2.42 0.48
N VAL A 7 8.80 -2.04 1.03
CA VAL A 7 8.46 -0.62 1.25
C VAL A 7 8.03 -0.41 2.69
N TYR A 8 8.16 0.82 3.18
CA TYR A 8 7.79 1.17 4.57
C TYR A 8 6.75 2.29 4.59
N VAL A 9 5.72 2.12 5.41
CA VAL A 9 4.65 3.12 5.54
C VAL A 9 5.12 4.28 6.40
N MET A 10 5.13 5.49 5.85
CA MET A 10 5.60 6.66 6.58
C MET A 10 4.58 7.11 7.63
N SER A 11 3.45 7.65 7.16
CA SER A 11 2.40 8.16 8.07
C SER A 11 1.04 7.58 7.70
N VAL A 12 0.09 7.72 8.63
CA VAL A 12 -1.27 7.22 8.44
C VAL A 12 -2.25 8.37 8.60
N LEU A 13 -3.05 8.62 7.56
CA LEU A 13 -4.00 9.72 7.59
C LEU A 13 -5.34 9.27 8.20
N PRO A 14 -6.09 10.19 8.79
CA PRO A 14 -7.41 9.86 9.42
C PRO A 14 -8.48 9.53 8.38
N ASN A 15 -9.45 8.72 8.80
CA ASN A 15 -10.56 8.33 7.94
C ASN A 15 -10.06 7.76 6.62
N MET A 16 -9.05 6.87 6.67
CA MET A 16 -8.47 6.28 5.47
C MET A 16 -8.60 4.74 5.51
N PRO A 17 -8.62 4.09 4.36
CA PRO A 17 -8.76 2.60 4.29
C PRO A 17 -7.60 1.86 4.96
N ALA A 18 -6.47 2.54 5.15
CA ALA A 18 -5.30 1.90 5.77
C ALA A 18 -5.32 2.06 7.29
N ALA A 19 -6.02 3.09 7.76
CA ALA A 19 -6.10 3.34 9.21
C ALA A 19 -6.93 2.27 9.90
N GLY A 20 -6.51 1.87 11.09
CA GLY A 20 -7.20 0.84 11.87
C GLY A 20 -6.74 -0.56 11.50
N ARG A 21 -6.19 -0.69 10.28
CA ARG A 21 -5.69 -1.97 9.77
C ARG A 21 -4.19 -1.90 9.53
N LEU A 22 -3.73 -0.71 9.11
CA LEU A 22 -2.30 -0.48 8.84
C LEU A 22 -1.77 0.60 9.77
N GLU A 23 -0.54 0.39 10.28
CA GLU A 23 0.10 1.35 11.18
C GLU A 23 1.51 1.67 10.72
N ALA A 24 1.94 2.86 11.08
CA ALA A 24 3.28 3.33 10.73
C ALA A 24 4.31 2.37 11.28
N GLY A 25 5.35 2.10 10.49
CA GLY A 25 6.41 1.17 10.88
C GLY A 25 6.25 -0.15 10.14
N ASP A 26 5.01 -0.50 9.79
CA ASP A 26 4.75 -1.74 9.06
C ASP A 26 5.27 -1.63 7.63
N ARG A 27 5.75 -2.76 7.08
CA ARG A 27 6.28 -2.81 5.71
C ARG A 27 5.39 -3.67 4.83
N ILE A 28 5.51 -3.46 3.52
CA ILE A 28 4.73 -4.23 2.54
C ILE A 28 5.55 -5.39 1.98
N ALA A 29 5.07 -6.61 2.21
CA ALA A 29 5.75 -7.82 1.74
C ALA A 29 5.20 -8.25 0.39
N ALA A 30 4.05 -7.71 0.02
CA ALA A 30 3.43 -8.05 -1.28
C ALA A 30 2.10 -7.33 -1.46
N ILE A 31 1.63 -7.29 -2.71
CA ILE A 31 0.35 -6.66 -3.05
C ILE A 31 -0.43 -7.52 -4.07
N ASP A 32 -1.67 -7.80 -3.75
CA ASP A 32 -2.51 -8.58 -4.67
C ASP A 32 -1.79 -9.88 -5.09
N GLY A 33 -0.73 -10.24 -4.35
CA GLY A 33 0.03 -11.47 -4.64
C GLY A 33 1.37 -11.18 -5.30
N GLN A 34 1.61 -9.91 -5.66
CA GLN A 34 2.87 -9.54 -6.33
C GLN A 34 3.91 -9.05 -5.29
N PRO A 35 5.16 -9.49 -5.36
CA PRO A 35 6.22 -9.02 -4.41
C PRO A 35 6.75 -7.62 -4.77
N ILE A 36 6.87 -6.77 -3.75
CA ILE A 36 7.34 -5.39 -3.94
C ILE A 36 8.80 -5.23 -3.50
N ASN A 37 9.63 -4.90 -4.49
CA ASN A 37 11.07 -4.70 -4.29
C ASN A 37 11.46 -3.23 -4.45
N THR A 38 10.68 -2.49 -5.26
CA THR A 38 10.96 -1.06 -5.50
C THR A 38 9.68 -0.24 -5.45
N SER A 39 9.85 1.08 -5.36
CA SER A 39 8.70 1.97 -5.33
C SER A 39 8.01 1.93 -6.69
N GLU A 40 8.78 1.74 -7.75
CA GLU A 40 8.22 1.69 -9.09
C GLU A 40 7.25 0.54 -9.21
N GLN A 41 7.58 -0.59 -8.60
CA GLN A 41 6.71 -1.75 -8.67
C GLN A 41 5.29 -1.37 -8.28
N ILE A 42 5.15 -0.50 -7.27
CA ILE A 42 3.83 -0.04 -6.83
C ILE A 42 3.12 0.71 -7.95
N VAL A 43 3.88 1.45 -8.76
CA VAL A 43 3.27 2.22 -9.84
C VAL A 43 2.60 1.28 -10.83
N SER A 44 3.26 0.20 -11.21
CA SER A 44 2.67 -0.72 -12.17
C SER A 44 1.34 -1.25 -11.67
N TYR A 45 1.32 -1.60 -10.40
CA TYR A 45 0.09 -2.13 -9.81
C TYR A 45 -1.04 -1.10 -9.97
N VAL A 46 -0.82 0.11 -9.45
CA VAL A 46 -1.85 1.13 -9.50
C VAL A 46 -2.34 1.33 -10.93
N ARG A 47 -1.40 1.29 -11.87
CA ARG A 47 -1.74 1.46 -13.27
C ARG A 47 -2.70 0.36 -13.72
N GLU A 48 -2.51 -0.85 -13.22
CA GLU A 48 -3.39 -1.95 -13.61
C GLU A 48 -4.82 -1.65 -13.19
N LYS A 49 -4.97 -1.21 -11.95
CA LYS A 49 -6.28 -0.89 -11.39
C LYS A 49 -6.61 0.57 -11.65
N GLN A 50 -7.82 0.97 -11.27
CA GLN A 50 -8.27 2.33 -11.48
C GLN A 50 -9.36 2.73 -10.50
N ALA A 51 -9.09 3.83 -9.78
CA ALA A 51 -10.02 4.40 -8.75
C ALA A 51 -11.32 3.58 -8.68
N GLY A 52 -11.68 3.07 -7.50
CA GLY A 52 -12.91 2.27 -7.36
C GLY A 52 -12.55 0.78 -7.27
N ASP A 53 -11.26 0.47 -7.46
CA ASP A 53 -10.79 -0.92 -7.39
C ASP A 53 -10.52 -1.33 -5.93
N ARG A 54 -10.14 -2.60 -5.74
CA ARG A 54 -9.85 -3.13 -4.41
C ARG A 54 -8.75 -4.18 -4.51
N VAL A 55 -7.65 -3.98 -3.77
CA VAL A 55 -6.52 -4.92 -3.79
C VAL A 55 -6.08 -5.32 -2.38
N ARG A 56 -5.92 -6.61 -2.21
CA ARG A 56 -5.49 -7.18 -0.93
C ARG A 56 -4.00 -6.92 -0.78
N VAL A 57 -3.64 -6.14 0.24
CA VAL A 57 -2.24 -5.78 0.49
C VAL A 57 -1.70 -6.60 1.66
N THR A 58 -0.49 -7.13 1.50
CA THR A 58 0.15 -7.94 2.54
C THR A 58 1.19 -7.10 3.27
N PHE A 59 1.19 -7.15 4.60
CA PHE A 59 2.18 -6.39 5.40
C PHE A 59 2.52 -7.19 6.67
N ILE A 60 3.76 -7.04 7.18
CA ILE A 60 4.21 -7.76 8.39
C ILE A 60 4.33 -6.81 9.56
N ARG A 61 3.82 -7.27 10.71
CA ARG A 61 3.88 -6.52 11.95
C ARG A 61 4.23 -7.47 13.11
N ASP A 62 5.33 -7.17 13.79
CA ASP A 62 5.78 -7.97 14.92
C ASP A 62 5.88 -9.44 14.55
N ARG A 63 6.36 -9.72 13.35
CA ARG A 63 6.51 -11.09 12.86
C ARG A 63 5.17 -11.74 12.59
N LYS A 64 4.10 -10.94 12.62
CA LYS A 64 2.74 -11.43 12.35
C LYS A 64 2.24 -10.87 11.02
N GLN A 65 2.20 -11.73 10.01
CA GLN A 65 1.76 -11.34 8.68
C GLN A 65 0.24 -11.20 8.62
N HIS A 66 -0.22 -10.04 8.14
CA HIS A 66 -1.65 -9.76 8.01
C HIS A 66 -1.93 -8.97 6.73
N GLU A 67 -3.08 -9.26 6.11
CA GLU A 67 -3.52 -8.61 4.88
C GLU A 67 -4.37 -7.38 5.20
N ALA A 68 -4.16 -6.33 4.41
CA ALA A 68 -4.89 -5.06 4.56
C ALA A 68 -5.71 -4.74 3.32
N GLU A 69 -7.00 -4.51 3.55
CA GLU A 69 -7.94 -4.22 2.47
C GLU A 69 -7.82 -2.75 2.05
N LEU A 70 -7.15 -2.52 0.91
CA LEU A 70 -6.93 -1.17 0.38
C LEU A 70 -7.74 -0.95 -0.89
N VAL A 71 -8.26 0.27 -1.02
CA VAL A 71 -9.07 0.67 -2.17
C VAL A 71 -8.47 1.91 -2.85
N LEU A 72 -8.39 1.85 -4.17
CA LEU A 72 -7.81 2.94 -4.94
C LEU A 72 -8.72 4.14 -4.94
N LYS A 73 -8.16 5.32 -4.61
CA LYS A 73 -8.92 6.57 -4.58
C LYS A 73 -8.10 7.71 -5.23
N PRO A 74 -8.72 8.58 -6.01
CA PRO A 74 -8.02 9.72 -6.68
C PRO A 74 -7.66 10.84 -5.71
N PHE A 75 -6.80 11.75 -6.17
CA PHE A 75 -6.35 12.87 -5.36
C PHE A 75 -7.17 14.15 -5.69
N PRO A 76 -7.29 15.08 -4.76
CA PRO A 76 -8.06 16.34 -4.97
C PRO A 76 -7.43 17.23 -6.04
N HIS A 77 -6.30 17.83 -5.73
CA HIS A 77 -5.61 18.70 -6.67
C HIS A 77 -5.06 17.90 -7.86
N HIS A 78 -5.46 16.63 -7.96
CA HIS A 78 -5.02 15.75 -9.02
C HIS A 78 -6.04 14.62 -9.18
N PRO A 79 -7.21 14.89 -9.73
CA PRO A 79 -8.28 13.87 -9.90
C PRO A 79 -7.97 12.89 -11.02
N ASN A 80 -6.98 13.22 -11.87
CA ASN A 80 -6.62 12.34 -12.98
C ASN A 80 -5.53 11.37 -12.57
N GLN A 81 -5.24 11.29 -11.26
CA GLN A 81 -4.21 10.40 -10.73
C GLN A 81 -4.78 9.60 -9.58
N ILE A 82 -4.27 8.39 -9.41
CA ILE A 82 -4.73 7.47 -8.37
C ILE A 82 -3.65 7.35 -7.28
N GLY A 83 -3.90 6.47 -6.32
CA GLY A 83 -2.95 6.22 -5.23
C GLY A 83 -3.67 5.85 -3.94
N LEU A 84 -3.00 5.13 -3.05
CA LEU A 84 -3.62 4.71 -1.80
C LEU A 84 -3.98 5.93 -0.95
N GLY A 85 -3.04 6.43 -0.15
CA GLY A 85 -3.31 7.58 0.70
C GLY A 85 -2.12 7.87 1.62
N VAL A 86 -0.95 7.27 1.32
CA VAL A 86 0.27 7.47 2.12
C VAL A 86 1.26 8.33 1.35
N THR A 87 2.18 8.98 2.08
CA THR A 87 3.18 9.85 1.46
C THR A 87 4.28 9.03 0.80
N MET A 1 23.79 -1.70 5.02
CA MET A 1 22.94 -0.55 4.57
C MET A 1 21.65 -1.10 3.97
N ASN A 2 20.82 -1.72 4.82
CA ASN A 2 19.55 -2.27 4.35
C ASN A 2 19.76 -3.23 3.18
N GLU A 3 19.75 -4.52 3.48
CA GLU A 3 19.93 -5.55 2.45
C GLU A 3 18.72 -5.61 1.51
N ALA A 4 18.75 -4.76 0.48
CA ALA A 4 17.67 -4.73 -0.51
C ALA A 4 16.30 -4.52 0.17
N LYS A 5 15.31 -4.12 -0.62
CA LYS A 5 13.95 -3.89 -0.12
C LYS A 5 13.96 -2.87 1.02
N GLY A 6 12.89 -2.88 1.83
CA GLY A 6 12.76 -1.95 2.95
C GLY A 6 11.73 -0.86 2.66
N VAL A 7 10.48 -1.26 2.37
CA VAL A 7 9.41 -0.30 2.11
C VAL A 7 8.62 -0.10 3.40
N TYR A 8 8.42 1.15 3.80
CA TYR A 8 7.71 1.46 5.05
C TYR A 8 6.56 2.43 4.78
N VAL A 9 5.38 2.12 5.32
CA VAL A 9 4.19 2.97 5.14
C VAL A 9 4.56 4.44 5.36
N MET A 10 3.64 5.35 5.05
CA MET A 10 3.89 6.78 5.23
C MET A 10 3.36 7.27 6.57
N SER A 11 2.03 7.24 6.74
CA SER A 11 1.43 7.72 8.00
C SER A 11 0.09 7.07 8.25
N VAL A 12 -0.50 7.34 9.42
CA VAL A 12 -1.82 6.79 9.79
C VAL A 12 -2.79 7.93 9.99
N LEU A 13 -3.62 8.19 8.99
CA LEU A 13 -4.59 9.28 9.07
C LEU A 13 -5.98 8.71 9.44
N PRO A 14 -6.55 9.11 10.58
CA PRO A 14 -7.94 8.65 11.00
C PRO A 14 -9.02 9.00 9.96
N ASN A 15 -8.77 8.66 8.70
CA ASN A 15 -9.71 8.92 7.62
C ASN A 15 -9.26 8.23 6.33
N MET A 16 -8.24 7.36 6.41
CA MET A 16 -7.71 6.67 5.24
C MET A 16 -8.09 5.19 5.28
N PRO A 17 -8.15 4.53 4.14
CA PRO A 17 -8.53 3.08 4.07
C PRO A 17 -7.60 2.16 4.87
N ALA A 18 -6.37 2.59 5.11
CA ALA A 18 -5.38 1.79 5.86
C ALA A 18 -5.49 2.05 7.38
N ALA A 19 -6.22 3.11 7.73
CA ALA A 19 -6.41 3.47 9.12
C ALA A 19 -7.09 2.31 9.87
N GLY A 20 -6.36 1.69 10.80
CA GLY A 20 -6.88 0.57 11.59
C GLY A 20 -6.41 -0.77 11.02
N ARG A 21 -5.84 -0.73 9.81
CA ARG A 21 -5.34 -1.94 9.14
C ARG A 21 -3.81 -1.90 9.02
N LEU A 22 -3.29 -0.69 8.78
CA LEU A 22 -1.85 -0.46 8.64
C LEU A 22 -1.37 0.58 9.63
N GLU A 23 -0.11 0.43 10.05
CA GLU A 23 0.49 1.34 11.01
C GLU A 23 1.94 1.67 10.63
N ALA A 24 2.39 2.82 11.10
CA ALA A 24 3.75 3.27 10.85
C ALA A 24 4.72 2.27 11.44
N GLY A 25 5.71 1.86 10.65
CA GLY A 25 6.72 0.88 11.09
C GLY A 25 6.55 -0.42 10.30
N ASP A 26 5.34 -0.67 9.80
CA ASP A 26 5.07 -1.88 9.01
C ASP A 26 5.56 -1.70 7.58
N ARG A 27 5.91 -2.82 6.93
CA ARG A 27 6.39 -2.81 5.54
C ARG A 27 5.51 -3.69 4.67
N ILE A 28 5.65 -3.53 3.35
CA ILE A 28 4.84 -4.32 2.40
C ILE A 28 5.65 -5.49 1.87
N ALA A 29 5.14 -6.70 2.06
CA ALA A 29 5.81 -7.92 1.59
C ALA A 29 5.21 -8.40 0.26
N ALA A 30 3.97 -7.99 0.01
CA ALA A 30 3.30 -8.39 -1.22
C ALA A 30 1.96 -7.65 -1.40
N ILE A 31 1.50 -7.61 -2.65
CA ILE A 31 0.22 -6.97 -2.98
C ILE A 31 -0.56 -7.83 -3.96
N ASP A 32 -1.76 -8.22 -3.56
CA ASP A 32 -2.61 -9.04 -4.42
C ASP A 32 -1.87 -10.27 -4.93
N GLY A 33 -0.83 -10.68 -4.19
CA GLY A 33 -0.03 -11.85 -4.56
C GLY A 33 1.27 -11.46 -5.26
N GLN A 34 1.41 -10.16 -5.55
CA GLN A 34 2.61 -9.67 -6.24
C GLN A 34 3.70 -9.27 -5.23
N PRO A 35 4.90 -9.84 -5.30
CA PRO A 35 6.00 -9.48 -4.34
C PRO A 35 6.61 -8.12 -4.69
N ILE A 36 6.79 -7.28 -3.65
CA ILE A 36 7.33 -5.92 -3.84
C ILE A 36 8.81 -5.83 -3.50
N ASN A 37 9.60 -5.63 -4.55
CA ASN A 37 11.06 -5.51 -4.42
C ASN A 37 11.53 -4.08 -4.72
N THR A 38 10.66 -3.28 -5.35
CA THR A 38 11.01 -1.89 -5.68
C THR A 38 9.79 -0.98 -5.51
N SER A 39 10.07 0.30 -5.28
CA SER A 39 9.00 1.28 -5.11
C SER A 39 8.30 1.48 -6.45
N GLU A 40 9.03 1.23 -7.54
CA GLU A 40 8.49 1.39 -8.88
C GLU A 40 7.40 0.35 -9.13
N GLN A 41 7.55 -0.83 -8.55
CA GLN A 41 6.57 -1.88 -8.73
C GLN A 41 5.20 -1.40 -8.24
N ILE A 42 5.21 -0.52 -7.25
CA ILE A 42 3.97 0.04 -6.71
C ILE A 42 3.41 1.10 -7.63
N VAL A 43 4.28 1.75 -8.39
CA VAL A 43 3.85 2.77 -9.33
C VAL A 43 3.09 2.15 -10.50
N SER A 44 3.62 1.06 -11.03
CA SER A 44 2.97 0.37 -12.14
C SER A 44 1.67 -0.27 -11.69
N TYR A 45 1.71 -0.89 -10.52
CA TYR A 45 0.53 -1.56 -9.97
C TYR A 45 -0.63 -0.58 -9.80
N VAL A 46 -0.40 0.53 -9.12
CA VAL A 46 -1.44 1.53 -8.91
C VAL A 46 -2.03 1.95 -10.27
N ARG A 47 -1.16 2.13 -11.26
CA ARG A 47 -1.62 2.52 -12.59
C ARG A 47 -2.54 1.46 -13.20
N GLU A 48 -2.21 0.18 -13.01
CA GLU A 48 -3.05 -0.89 -13.57
C GLU A 48 -4.50 -0.71 -13.13
N LYS A 49 -4.70 -0.65 -11.81
CA LYS A 49 -6.04 -0.50 -11.24
C LYS A 49 -6.47 0.96 -11.30
N GLN A 50 -7.78 1.16 -11.49
CA GLN A 50 -8.35 2.52 -11.58
C GLN A 50 -8.94 2.97 -10.26
N ALA A 51 -9.44 4.20 -10.25
CA ALA A 51 -10.03 4.77 -9.04
C ALA A 51 -11.28 3.98 -8.65
N GLY A 52 -11.41 3.68 -7.35
CA GLY A 52 -12.57 2.93 -6.85
C GLY A 52 -12.26 1.43 -6.78
N ASP A 53 -11.05 1.07 -7.24
CA ASP A 53 -10.64 -0.33 -7.23
C ASP A 53 -10.31 -0.79 -5.81
N ARG A 54 -10.10 -2.11 -5.66
CA ARG A 54 -9.77 -2.71 -4.36
C ARG A 54 -8.69 -3.77 -4.53
N VAL A 55 -7.67 -3.69 -3.68
CA VAL A 55 -6.54 -4.63 -3.74
C VAL A 55 -6.13 -5.13 -2.36
N ARG A 56 -5.98 -6.44 -2.27
CA ARG A 56 -5.58 -7.10 -1.04
C ARG A 56 -4.09 -6.87 -0.83
N VAL A 57 -3.75 -6.05 0.16
CA VAL A 57 -2.35 -5.72 0.45
C VAL A 57 -1.84 -6.54 1.61
N THR A 58 -0.60 -7.04 1.49
CA THR A 58 0.03 -7.85 2.55
C THR A 58 1.12 -7.02 3.24
N PHE A 59 1.23 -7.15 4.56
CA PHE A 59 2.27 -6.42 5.31
C PHE A 59 2.71 -7.25 6.53
N ILE A 60 3.95 -7.05 6.98
CA ILE A 60 4.51 -7.81 8.13
C ILE A 60 4.62 -6.93 9.37
N ARG A 61 4.20 -7.51 10.50
CA ARG A 61 4.27 -6.84 11.79
C ARG A 61 4.67 -7.86 12.87
N ASP A 62 5.77 -7.56 13.55
CA ASP A 62 6.28 -8.44 14.62
C ASP A 62 6.27 -9.89 14.17
N ARG A 63 6.82 -10.16 12.99
CA ARG A 63 6.89 -11.50 12.43
C ARG A 63 5.49 -12.07 12.15
N LYS A 64 4.46 -11.22 12.26
CA LYS A 64 3.08 -11.65 12.02
C LYS A 64 2.51 -10.94 10.78
N GLN A 65 2.39 -11.69 9.69
CA GLN A 65 1.88 -11.15 8.44
C GLN A 65 0.36 -11.08 8.46
N HIS A 66 -0.18 -10.06 7.80
CA HIS A 66 -1.64 -9.86 7.71
C HIS A 66 -2.01 -9.10 6.45
N GLU A 67 -3.17 -9.45 5.89
CA GLU A 67 -3.69 -8.83 4.67
C GLU A 67 -4.56 -7.62 5.02
N ALA A 68 -4.26 -6.50 4.37
CA ALA A 68 -4.98 -5.25 4.58
C ALA A 68 -5.83 -4.88 3.36
N GLU A 69 -7.10 -4.61 3.63
CA GLU A 69 -8.04 -4.24 2.57
C GLU A 69 -7.88 -2.77 2.21
N LEU A 70 -7.22 -2.51 1.07
CA LEU A 70 -6.99 -1.13 0.60
C LEU A 70 -7.79 -0.85 -0.65
N VAL A 71 -8.24 0.40 -0.77
CA VAL A 71 -9.04 0.86 -1.92
C VAL A 71 -8.36 2.05 -2.59
N LEU A 72 -8.26 2.00 -3.90
CA LEU A 72 -7.63 3.06 -4.65
C LEU A 72 -8.44 4.35 -4.55
N LYS A 73 -7.75 5.43 -4.17
CA LYS A 73 -8.39 6.73 -4.01
C LYS A 73 -7.53 7.85 -4.64
N PRO A 74 -8.04 8.61 -5.60
CA PRO A 74 -7.27 9.71 -6.26
C PRO A 74 -7.17 10.95 -5.38
N PHE A 75 -6.60 12.03 -5.93
CA PHE A 75 -6.42 13.29 -5.20
C PHE A 75 -7.41 14.36 -5.70
N PRO A 76 -7.87 15.25 -4.83
CA PRO A 76 -8.83 16.33 -5.24
C PRO A 76 -8.23 17.31 -6.23
N HIS A 77 -6.93 17.57 -6.09
CA HIS A 77 -6.24 18.50 -6.98
C HIS A 77 -5.94 17.82 -8.31
N HIS A 78 -6.04 16.49 -8.32
CA HIS A 78 -5.78 15.69 -9.53
C HIS A 78 -6.72 14.48 -9.55
N PRO A 79 -8.00 14.70 -9.84
CA PRO A 79 -9.01 13.60 -9.87
C PRO A 79 -8.75 12.62 -11.02
N ASN A 80 -7.88 13.01 -11.96
CA ASN A 80 -7.55 12.17 -13.09
C ASN A 80 -6.29 11.34 -12.79
N GLN A 81 -5.96 11.22 -11.50
CA GLN A 81 -4.78 10.45 -11.09
C GLN A 81 -5.07 9.69 -9.79
N ILE A 82 -4.75 8.42 -9.78
CA ILE A 82 -4.99 7.56 -8.63
C ILE A 82 -3.96 7.83 -7.53
N GLY A 83 -4.31 7.48 -6.30
CA GLY A 83 -3.43 7.69 -5.16
C GLY A 83 -2.13 6.89 -5.32
N LEU A 84 -1.07 7.60 -5.67
CA LEU A 84 0.24 6.96 -5.85
C LEU A 84 0.95 6.76 -4.52
N GLY A 85 0.42 7.41 -3.48
CA GLY A 85 1.00 7.31 -2.12
C GLY A 85 0.15 6.40 -1.23
N VAL A 86 0.71 6.05 -0.06
CA VAL A 86 0.02 5.18 0.91
C VAL A 86 0.21 5.70 2.31
N THR A 87 -0.76 5.43 3.18
CA THR A 87 -0.71 5.87 4.58
C THR A 87 -1.33 4.79 5.46
N MET A 1 11.22 -13.41 5.14
CA MET A 1 11.88 -14.73 5.02
C MET A 1 13.07 -14.61 4.08
N ASN A 2 14.22 -15.10 4.51
CA ASN A 2 15.43 -15.06 3.69
C ASN A 2 15.73 -13.62 3.24
N GLU A 3 15.80 -12.71 4.21
CA GLU A 3 16.10 -11.30 3.92
C GLU A 3 15.14 -10.74 2.87
N ALA A 4 13.91 -10.45 3.29
CA ALA A 4 12.90 -9.92 2.38
C ALA A 4 13.33 -8.57 1.80
N LYS A 5 13.45 -7.56 2.66
CA LYS A 5 13.85 -6.21 2.23
C LYS A 5 12.85 -5.63 1.22
N GLY A 6 11.82 -4.95 1.74
CA GLY A 6 10.79 -4.34 0.88
C GLY A 6 10.71 -2.83 1.11
N VAL A 7 9.54 -2.36 1.60
CA VAL A 7 9.31 -0.94 1.86
C VAL A 7 8.72 -0.75 3.25
N TYR A 8 8.66 0.51 3.69
CA TYR A 8 8.13 0.85 5.02
C TYR A 8 7.16 2.03 4.94
N VAL A 9 6.07 1.95 5.71
CA VAL A 9 5.05 3.00 5.72
C VAL A 9 5.57 4.20 6.50
N MET A 10 5.56 5.39 5.87
CA MET A 10 6.05 6.60 6.52
C MET A 10 4.97 7.25 7.39
N SER A 11 3.88 7.71 6.74
CA SER A 11 2.78 8.37 7.47
C SER A 11 1.45 7.66 7.22
N VAL A 12 0.56 7.72 8.22
CA VAL A 12 -0.77 7.11 8.15
C VAL A 12 -1.81 8.17 8.48
N LEU A 13 -2.86 8.23 7.66
CA LEU A 13 -3.91 9.23 7.87
C LEU A 13 -5.05 8.63 8.72
N PRO A 14 -5.75 9.45 9.48
CA PRO A 14 -6.89 8.98 10.35
C PRO A 14 -8.13 8.60 9.54
N ASN A 15 -8.30 9.22 8.37
CA ASN A 15 -9.48 8.97 7.52
C ASN A 15 -9.10 8.27 6.23
N MET A 16 -8.17 7.30 6.31
CA MET A 16 -7.72 6.55 5.13
C MET A 16 -8.15 5.08 5.22
N PRO A 17 -8.14 4.37 4.10
CA PRO A 17 -8.56 2.93 4.07
C PRO A 17 -7.69 2.04 4.97
N ALA A 18 -6.39 2.37 5.08
CA ALA A 18 -5.45 1.56 5.88
C ALA A 18 -5.49 1.96 7.37
N ALA A 19 -6.14 3.08 7.66
CA ALA A 19 -6.22 3.56 9.04
C ALA A 19 -7.06 2.60 9.89
N GLY A 20 -6.57 2.31 11.08
CA GLY A 20 -7.27 1.40 12.00
C GLY A 20 -6.89 -0.04 11.74
N ARG A 21 -6.29 -0.31 10.58
CA ARG A 21 -5.87 -1.67 10.19
C ARG A 21 -4.36 -1.72 10.04
N LEU A 22 -3.76 -0.61 9.56
CA LEU A 22 -2.32 -0.53 9.35
C LEU A 22 -1.73 0.63 10.15
N GLU A 23 -0.46 0.50 10.52
CA GLU A 23 0.23 1.53 11.30
C GLU A 23 1.66 1.74 10.79
N ALA A 24 2.15 2.94 11.04
CA ALA A 24 3.50 3.30 10.63
C ALA A 24 4.49 2.33 11.26
N GLY A 25 5.50 1.93 10.47
CA GLY A 25 6.51 0.97 10.92
C GLY A 25 6.34 -0.36 10.20
N ASP A 26 5.10 -0.68 9.81
CA ASP A 26 4.86 -1.94 9.10
C ASP A 26 5.46 -1.89 7.68
N ARG A 27 5.88 -3.05 7.16
CA ARG A 27 6.45 -3.14 5.81
C ARG A 27 5.56 -4.00 4.91
N ILE A 28 5.71 -3.81 3.60
CA ILE A 28 4.92 -4.56 2.62
C ILE A 28 5.74 -5.71 2.05
N ALA A 29 5.24 -6.93 2.26
CA ALA A 29 5.92 -8.14 1.77
C ALA A 29 5.40 -8.55 0.40
N ALA A 30 4.19 -8.09 0.07
CA ALA A 30 3.59 -8.42 -1.23
C ALA A 30 2.24 -7.73 -1.41
N ILE A 31 1.79 -7.67 -2.67
CA ILE A 31 0.48 -7.07 -3.00
C ILE A 31 -0.27 -7.93 -4.02
N ASP A 32 -1.49 -8.27 -3.69
CA ASP A 32 -2.31 -9.07 -4.59
C ASP A 32 -1.56 -10.32 -5.07
N GLY A 33 -0.41 -10.62 -4.42
CA GLY A 33 0.39 -11.81 -4.76
C GLY A 33 1.72 -11.43 -5.42
N GLN A 34 1.93 -10.15 -5.72
CA GLN A 34 3.16 -9.69 -6.37
C GLN A 34 4.21 -9.18 -5.34
N PRO A 35 5.31 -9.87 -5.12
CA PRO A 35 6.35 -9.40 -4.16
C PRO A 35 6.88 -8.00 -4.54
N ILE A 36 7.02 -7.12 -3.55
CA ILE A 36 7.47 -5.74 -3.77
C ILE A 36 8.94 -5.57 -3.36
N ASN A 37 9.74 -5.26 -4.38
CA ASN A 37 11.19 -5.05 -4.21
C ASN A 37 11.56 -3.59 -4.47
N THR A 38 10.69 -2.85 -5.18
CA THR A 38 10.95 -1.44 -5.49
C THR A 38 9.71 -0.60 -5.25
N SER A 39 9.92 0.67 -4.91
CA SER A 39 8.81 1.60 -4.69
C SER A 39 8.13 1.89 -6.01
N GLU A 40 8.91 1.83 -7.09
CA GLU A 40 8.38 2.10 -8.42
C GLU A 40 7.37 1.03 -8.81
N GLN A 41 7.53 -0.17 -8.29
CA GLN A 41 6.62 -1.25 -8.60
C GLN A 41 5.22 -0.92 -8.09
N ILE A 42 5.15 -0.12 -7.03
CA ILE A 42 3.86 0.28 -6.46
C ILE A 42 3.19 1.34 -7.32
N VAL A 43 3.99 2.13 -8.02
CA VAL A 43 3.46 3.18 -8.89
C VAL A 43 2.79 2.57 -10.12
N SER A 44 3.40 1.52 -10.69
CA SER A 44 2.82 0.87 -11.84
C SER A 44 1.56 0.11 -11.44
N TYR A 45 1.63 -0.53 -10.28
CA TYR A 45 0.49 -1.31 -9.79
C TYR A 45 -0.76 -0.42 -9.66
N VAL A 46 -0.65 0.66 -8.89
CA VAL A 46 -1.78 1.55 -8.71
C VAL A 46 -2.27 2.09 -10.06
N ARG A 47 -1.33 2.27 -10.99
CA ARG A 47 -1.67 2.78 -12.32
C ARG A 47 -2.56 1.77 -13.06
N GLU A 48 -2.27 0.48 -12.92
CA GLU A 48 -3.07 -0.54 -13.59
C GLU A 48 -4.54 -0.44 -13.18
N LYS A 49 -4.76 -0.38 -11.87
CA LYS A 49 -6.11 -0.30 -11.31
C LYS A 49 -6.61 1.13 -11.36
N GLN A 50 -7.92 1.30 -11.51
CA GLN A 50 -8.55 2.62 -11.59
C GLN A 50 -9.22 3.00 -10.27
N ALA A 51 -9.82 4.19 -10.25
CA ALA A 51 -10.49 4.67 -9.05
C ALA A 51 -11.70 3.80 -8.74
N GLY A 52 -11.87 3.44 -7.47
CA GLY A 52 -12.99 2.59 -7.05
C GLY A 52 -12.58 1.12 -7.01
N ASP A 53 -11.32 0.85 -7.35
CA ASP A 53 -10.80 -0.52 -7.35
C ASP A 53 -10.48 -0.98 -5.92
N ARG A 54 -10.18 -2.27 -5.78
CA ARG A 54 -9.85 -2.87 -4.48
C ARG A 54 -8.70 -3.85 -4.65
N VAL A 55 -7.63 -3.64 -3.87
CA VAL A 55 -6.44 -4.49 -3.94
C VAL A 55 -6.06 -5.05 -2.56
N ARG A 56 -5.80 -6.34 -2.55
CA ARG A 56 -5.40 -7.06 -1.34
C ARG A 56 -3.92 -6.85 -1.12
N VAL A 57 -3.59 -6.14 -0.03
CA VAL A 57 -2.19 -5.82 0.30
C VAL A 57 -1.71 -6.66 1.47
N THR A 58 -0.52 -7.26 1.32
CA THR A 58 0.07 -8.09 2.37
C THR A 58 1.14 -7.30 3.11
N PHE A 59 1.17 -7.42 4.45
CA PHE A 59 2.17 -6.71 5.26
C PHE A 59 2.49 -7.52 6.52
N ILE A 60 3.70 -7.37 7.06
CA ILE A 60 4.13 -8.10 8.27
C ILE A 60 4.18 -7.17 9.47
N ARG A 61 3.70 -7.70 10.61
CA ARG A 61 3.70 -6.98 11.87
C ARG A 61 3.99 -7.96 13.02
N ASP A 62 5.02 -7.65 13.79
CA ASP A 62 5.41 -8.46 14.94
C ASP A 62 5.51 -9.93 14.56
N ARG A 63 6.12 -10.20 13.41
CA ARG A 63 6.29 -11.57 12.91
C ARG A 63 4.95 -12.21 12.55
N LYS A 64 3.88 -11.41 12.53
CA LYS A 64 2.53 -11.88 12.18
C LYS A 64 2.04 -11.23 10.90
N GLN A 65 2.02 -11.99 9.82
CA GLN A 65 1.58 -11.49 8.52
C GLN A 65 0.07 -11.34 8.47
N HIS A 66 -0.38 -10.24 7.87
CA HIS A 66 -1.81 -9.94 7.73
C HIS A 66 -2.09 -9.15 6.46
N GLU A 67 -3.23 -9.44 5.84
CA GLU A 67 -3.67 -8.79 4.61
C GLU A 67 -4.51 -7.55 4.93
N ALA A 68 -4.22 -6.47 4.20
CA ALA A 68 -4.90 -5.19 4.37
C ALA A 68 -5.77 -4.87 3.15
N GLU A 69 -7.05 -4.67 3.41
CA GLU A 69 -8.03 -4.34 2.36
C GLU A 69 -8.01 -2.84 2.09
N LEU A 70 -7.36 -2.46 0.98
CA LEU A 70 -7.25 -1.05 0.57
C LEU A 70 -8.04 -0.80 -0.71
N VAL A 71 -8.53 0.44 -0.84
CA VAL A 71 -9.33 0.86 -2.01
C VAL A 71 -8.67 2.04 -2.71
N LEU A 72 -8.54 1.95 -4.02
CA LEU A 72 -7.91 3.00 -4.81
C LEU A 72 -8.73 4.27 -4.76
N LYS A 73 -8.07 5.38 -4.43
CA LYS A 73 -8.74 6.68 -4.36
C LYS A 73 -7.82 7.80 -4.92
N PRO A 74 -8.22 8.51 -5.96
CA PRO A 74 -7.38 9.58 -6.57
C PRO A 74 -7.33 10.83 -5.68
N PHE A 75 -6.78 11.92 -6.24
CA PHE A 75 -6.64 13.20 -5.52
C PHE A 75 -7.59 14.27 -6.11
N PRO A 76 -8.07 15.20 -5.29
CA PRO A 76 -8.98 16.29 -5.77
C PRO A 76 -8.29 17.21 -6.78
N HIS A 77 -6.97 17.31 -6.68
CA HIS A 77 -6.19 18.15 -7.59
C HIS A 77 -5.85 17.37 -8.86
N HIS A 78 -6.03 16.05 -8.82
CA HIS A 78 -5.76 15.19 -9.96
C HIS A 78 -6.72 14.00 -9.93
N PRO A 79 -8.01 14.22 -10.18
CA PRO A 79 -9.03 13.13 -10.14
C PRO A 79 -8.77 12.06 -11.19
N ASN A 80 -7.86 12.34 -12.12
CA ASN A 80 -7.51 11.40 -13.18
C ASN A 80 -6.21 10.67 -12.86
N GLN A 81 -5.79 10.70 -11.58
CA GLN A 81 -4.55 10.06 -11.14
C GLN A 81 -4.79 9.28 -9.86
N ILE A 82 -4.39 8.01 -9.87
CA ILE A 82 -4.57 7.11 -8.72
C ILE A 82 -3.20 6.80 -8.09
N GLY A 83 -3.24 6.36 -6.84
CA GLY A 83 -2.02 6.00 -6.10
C GLY A 83 -2.01 6.64 -4.73
N LEU A 84 -2.97 6.25 -3.88
CA LEU A 84 -3.03 6.80 -2.53
C LEU A 84 -2.34 5.87 -1.54
N GLY A 85 -3.08 4.85 -1.08
CA GLY A 85 -2.57 3.86 -0.11
C GLY A 85 -1.48 4.44 0.80
N VAL A 86 -0.22 4.20 0.41
CA VAL A 86 0.95 4.70 1.16
C VAL A 86 1.67 5.78 0.37
N THR A 87 2.39 6.66 1.07
CA THR A 87 3.12 7.75 0.43
C THR A 87 4.39 7.23 -0.25
N MET A 1 23.10 -6.44 3.62
CA MET A 1 22.06 -5.75 2.80
C MET A 1 21.12 -5.00 3.73
N ASN A 2 21.69 -4.39 4.77
CA ASN A 2 20.91 -3.63 5.74
C ASN A 2 19.79 -4.47 6.33
N GLU A 3 19.87 -5.79 6.13
CA GLU A 3 18.86 -6.73 6.63
C GLU A 3 17.50 -6.50 5.96
N ALA A 4 17.36 -5.34 5.30
CA ALA A 4 16.11 -4.99 4.62
C ALA A 4 15.75 -6.03 3.57
N LYS A 5 14.45 -6.30 3.41
CA LYS A 5 13.97 -7.28 2.42
C LYS A 5 12.97 -6.65 1.44
N GLY A 6 11.94 -5.98 1.97
CA GLY A 6 10.90 -5.35 1.13
C GLY A 6 11.06 -3.83 1.09
N VAL A 7 9.96 -3.12 1.31
CA VAL A 7 9.97 -1.65 1.31
C VAL A 7 9.17 -1.08 2.48
N TYR A 8 9.89 -0.46 3.40
CA TYR A 8 9.27 0.09 4.59
C TYR A 8 8.21 1.12 4.21
N VAL A 9 7.03 1.03 4.85
CA VAL A 9 5.93 1.94 4.56
C VAL A 9 6.42 3.39 4.50
N MET A 10 5.63 4.24 3.85
CA MET A 10 5.96 5.65 3.70
C MET A 10 5.14 6.50 4.67
N SER A 11 3.82 6.48 4.52
CA SER A 11 2.95 7.29 5.38
C SER A 11 1.56 6.64 5.52
N VAL A 12 0.88 6.94 6.63
CA VAL A 12 -0.46 6.41 6.91
C VAL A 12 -1.41 7.58 7.11
N LEU A 13 -2.19 7.88 6.09
CA LEU A 13 -3.13 8.99 6.15
C LEU A 13 -4.34 8.64 7.03
N PRO A 14 -4.78 9.52 7.92
CA PRO A 14 -5.93 9.24 8.84
C PRO A 14 -7.27 9.14 8.09
N ASN A 15 -7.32 9.72 6.90
CA ASN A 15 -8.56 9.72 6.09
C ASN A 15 -8.43 8.77 4.91
N MET A 16 -7.70 7.65 5.10
CA MET A 16 -7.50 6.67 4.02
C MET A 16 -8.02 5.29 4.45
N PRO A 17 -8.19 4.38 3.51
CA PRO A 17 -8.68 3.00 3.82
C PRO A 17 -7.68 2.16 4.62
N ALA A 18 -6.41 2.58 4.66
CA ALA A 18 -5.36 1.83 5.36
C ALA A 18 -5.32 2.19 6.86
N ALA A 19 -5.92 3.32 7.20
CA ALA A 19 -5.93 3.75 8.60
C ALA A 19 -6.76 2.78 9.44
N GLY A 20 -6.26 2.46 10.62
CA GLY A 20 -6.96 1.54 11.54
C GLY A 20 -6.57 0.09 11.26
N ARG A 21 -6.03 -0.16 10.07
CA ARG A 21 -5.60 -1.51 9.66
C ARG A 21 -4.09 -1.58 9.51
N LEU A 22 -3.49 -0.48 9.06
CA LEU A 22 -2.04 -0.40 8.87
C LEU A 22 -1.46 0.76 9.66
N GLU A 23 -0.18 0.64 10.01
CA GLU A 23 0.51 1.66 10.81
C GLU A 23 1.91 1.91 10.29
N ALA A 24 2.41 3.10 10.55
CA ALA A 24 3.75 3.48 10.13
C ALA A 24 4.75 2.53 10.74
N GLY A 25 5.76 2.15 9.95
CA GLY A 25 6.80 1.22 10.41
C GLY A 25 6.58 -0.16 9.80
N ASP A 26 5.33 -0.47 9.47
CA ASP A 26 5.00 -1.76 8.87
C ASP A 26 5.60 -1.86 7.47
N ARG A 27 6.04 -3.07 7.09
CA ARG A 27 6.64 -3.32 5.76
C ARG A 27 5.69 -4.12 4.89
N ILE A 28 5.82 -3.94 3.57
CA ILE A 28 4.97 -4.67 2.62
C ILE A 28 5.68 -5.92 2.11
N ALA A 29 5.10 -7.08 2.39
CA ALA A 29 5.68 -8.36 1.98
C ALA A 29 5.15 -8.77 0.61
N ALA A 30 4.06 -8.13 0.18
CA ALA A 30 3.47 -8.44 -1.14
C ALA A 30 2.12 -7.76 -1.30
N ILE A 31 1.65 -7.69 -2.55
CA ILE A 31 0.35 -7.09 -2.87
C ILE A 31 -0.38 -7.97 -3.87
N ASP A 32 -1.61 -8.34 -3.53
CA ASP A 32 -2.43 -9.17 -4.40
C ASP A 32 -1.67 -10.41 -4.86
N GLY A 33 -0.62 -10.77 -4.12
CA GLY A 33 0.20 -11.95 -4.43
C GLY A 33 1.51 -11.56 -5.12
N GLN A 34 1.67 -10.28 -5.43
CA GLN A 34 2.88 -9.80 -6.11
C GLN A 34 3.95 -9.32 -5.10
N PRO A 35 5.18 -9.81 -5.15
CA PRO A 35 6.25 -9.37 -4.19
C PRO A 35 6.79 -7.98 -4.54
N ILE A 36 6.94 -7.12 -3.53
CA ILE A 36 7.42 -5.75 -3.75
C ILE A 36 8.89 -5.57 -3.33
N ASN A 37 9.69 -5.27 -4.34
CA ASN A 37 11.14 -5.05 -4.16
C ASN A 37 11.49 -3.56 -4.27
N THR A 38 10.64 -2.79 -4.96
CA THR A 38 10.89 -1.35 -5.15
C THR A 38 9.62 -0.55 -4.90
N SER A 39 9.80 0.71 -4.52
CA SER A 39 8.67 1.60 -4.28
C SER A 39 8.01 1.94 -5.61
N GLU A 40 8.82 2.02 -6.66
CA GLU A 40 8.31 2.33 -7.99
C GLU A 40 7.35 1.25 -8.45
N GLN A 41 7.56 0.02 -7.96
CA GLN A 41 6.69 -1.07 -8.34
C GLN A 41 5.27 -0.81 -7.86
N ILE A 42 5.14 -0.09 -6.74
CA ILE A 42 3.83 0.24 -6.19
C ILE A 42 3.11 1.27 -7.05
N VAL A 43 3.87 2.13 -7.73
CA VAL A 43 3.29 3.17 -8.59
C VAL A 43 2.62 2.52 -9.79
N SER A 44 3.28 1.53 -10.38
CA SER A 44 2.71 0.84 -11.53
C SER A 44 1.43 0.11 -11.12
N TYR A 45 1.47 -0.50 -9.94
CA TYR A 45 0.32 -1.26 -9.45
C TYR A 45 -0.92 -0.37 -9.36
N VAL A 46 -0.84 0.72 -8.61
CA VAL A 46 -1.96 1.62 -8.45
C VAL A 46 -2.46 2.08 -9.83
N ARG A 47 -1.52 2.36 -10.72
CA ARG A 47 -1.86 2.81 -12.07
C ARG A 47 -2.60 1.70 -12.84
N GLU A 48 -2.14 0.45 -12.68
CA GLU A 48 -2.76 -0.68 -13.38
C GLU A 48 -4.26 -0.72 -13.09
N LYS A 49 -4.62 -0.57 -11.82
CA LYS A 49 -6.02 -0.60 -11.41
C LYS A 49 -6.67 0.76 -11.66
N GLN A 50 -7.92 0.92 -11.19
CA GLN A 50 -8.67 2.17 -11.38
C GLN A 50 -9.29 2.63 -10.06
N ALA A 51 -9.84 3.83 -10.06
CA ALA A 51 -10.48 4.39 -8.88
C ALA A 51 -11.71 3.55 -8.52
N GLY A 52 -11.87 3.25 -7.24
CA GLY A 52 -13.00 2.46 -6.77
C GLY A 52 -12.66 0.97 -6.79
N ASP A 53 -11.44 0.66 -7.23
CA ASP A 53 -10.99 -0.74 -7.28
C ASP A 53 -10.76 -1.29 -5.88
N ARG A 54 -10.37 -2.56 -5.81
CA ARG A 54 -10.11 -3.23 -4.52
C ARG A 54 -8.86 -4.09 -4.62
N VAL A 55 -7.89 -3.84 -3.75
CA VAL A 55 -6.63 -4.58 -3.76
C VAL A 55 -6.25 -5.07 -2.36
N ARG A 56 -5.91 -6.35 -2.32
CA ARG A 56 -5.47 -7.01 -1.08
C ARG A 56 -3.98 -6.81 -0.90
N VAL A 57 -3.63 -6.15 0.20
CA VAL A 57 -2.22 -5.84 0.52
C VAL A 57 -1.73 -6.69 1.68
N THR A 58 -0.52 -7.25 1.53
CA THR A 58 0.08 -8.10 2.57
C THR A 58 1.18 -7.31 3.28
N PHE A 59 1.17 -7.35 4.62
CA PHE A 59 2.20 -6.63 5.40
C PHE A 59 2.45 -7.39 6.71
N ILE A 60 3.65 -7.25 7.28
CA ILE A 60 4.02 -7.93 8.53
C ILE A 60 4.10 -6.93 9.67
N ARG A 61 3.58 -7.34 10.82
CA ARG A 61 3.61 -6.54 12.03
C ARG A 61 3.87 -7.43 13.24
N ASP A 62 4.95 -7.12 13.95
CA ASP A 62 5.34 -7.87 15.14
C ASP A 62 5.48 -9.36 14.82
N ARG A 63 6.03 -9.68 13.65
CA ARG A 63 6.21 -11.06 13.22
C ARG A 63 4.88 -11.74 12.92
N LYS A 64 3.79 -10.96 12.91
CA LYS A 64 2.46 -11.49 12.61
C LYS A 64 1.99 -11.01 11.23
N GLN A 65 1.79 -11.95 10.32
CA GLN A 65 1.36 -11.63 8.97
C GLN A 65 -0.12 -11.23 8.94
N HIS A 66 -0.41 -10.08 8.33
CA HIS A 66 -1.79 -9.60 8.22
C HIS A 66 -2.02 -8.90 6.88
N GLU A 67 -3.20 -9.16 6.30
CA GLU A 67 -3.59 -8.58 5.02
C GLU A 67 -4.40 -7.30 5.25
N ALA A 68 -4.13 -6.29 4.42
CA ALA A 68 -4.78 -4.98 4.50
C ALA A 68 -5.69 -4.75 3.28
N GLU A 69 -6.98 -4.63 3.56
CA GLU A 69 -7.98 -4.38 2.51
C GLU A 69 -7.92 -2.90 2.09
N LEU A 70 -7.31 -2.65 0.94
CA LEU A 70 -7.16 -1.28 0.40
C LEU A 70 -7.97 -1.10 -0.87
N VAL A 71 -8.47 0.12 -1.03
CA VAL A 71 -9.27 0.49 -2.20
C VAL A 71 -8.72 1.77 -2.82
N LEU A 72 -8.61 1.76 -4.15
CA LEU A 72 -8.08 2.90 -4.87
C LEU A 72 -9.01 4.09 -4.76
N LYS A 73 -8.48 5.23 -4.29
CA LYS A 73 -9.27 6.45 -4.12
C LYS A 73 -8.50 7.67 -4.70
N PRO A 74 -9.01 8.36 -5.71
CA PRO A 74 -8.31 9.53 -6.32
C PRO A 74 -8.42 10.79 -5.45
N PHE A 75 -7.99 11.93 -6.01
CA PHE A 75 -8.03 13.22 -5.28
C PHE A 75 -8.79 14.29 -6.10
N PRO A 76 -9.51 15.19 -5.45
CA PRO A 76 -10.27 16.27 -6.17
C PRO A 76 -9.34 17.29 -6.83
N HIS A 77 -8.20 17.56 -6.19
CA HIS A 77 -7.22 18.51 -6.73
C HIS A 77 -6.37 17.85 -7.79
N HIS A 78 -6.16 16.54 -7.65
CA HIS A 78 -5.34 15.76 -8.59
C HIS A 78 -6.01 14.42 -8.91
N PRO A 79 -7.19 14.44 -9.49
CA PRO A 79 -7.93 13.18 -9.82
C PRO A 79 -7.17 12.31 -10.83
N ASN A 80 -6.37 12.97 -11.65
CA ASN A 80 -5.60 12.28 -12.67
C ASN A 80 -4.74 11.20 -12.05
N GLN A 81 -4.60 11.23 -10.72
CA GLN A 81 -3.79 10.24 -9.99
C GLN A 81 -4.68 9.41 -9.10
N ILE A 82 -4.10 8.35 -8.52
CA ILE A 82 -4.84 7.43 -7.65
C ILE A 82 -4.25 7.45 -6.23
N GLY A 83 -4.80 6.61 -5.36
CA GLY A 83 -4.36 6.54 -3.96
C GLY A 83 -2.83 6.44 -3.85
N LEU A 84 -2.19 7.61 -3.84
CA LEU A 84 -0.73 7.70 -3.72
C LEU A 84 -0.30 7.99 -2.29
N GLY A 85 -1.28 8.16 -1.41
CA GLY A 85 -0.99 8.46 -0.01
C GLY A 85 -0.24 7.34 0.68
N VAL A 86 -0.52 6.11 0.27
CA VAL A 86 0.11 4.92 0.85
C VAL A 86 1.09 4.32 -0.14
N THR A 87 2.20 3.78 0.39
CA THR A 87 3.25 3.17 -0.42
C THR A 87 3.45 1.71 -0.01
N MET A 1 20.13 -2.06 -3.11
CA MET A 1 20.14 -1.87 -1.64
C MET A 1 18.98 -0.97 -1.25
N ASN A 2 17.81 -1.29 -1.80
CA ASN A 2 16.61 -0.51 -1.52
C ASN A 2 15.97 -0.88 -0.19
N GLU A 3 16.66 -0.52 0.90
CA GLU A 3 16.19 -0.79 2.27
C GLU A 3 16.34 -2.27 2.61
N ALA A 4 15.54 -2.75 3.58
CA ALA A 4 15.61 -4.14 4.00
C ALA A 4 15.11 -5.10 2.91
N LYS A 5 14.36 -6.12 3.32
CA LYS A 5 13.86 -7.12 2.38
C LYS A 5 12.90 -6.48 1.36
N GLY A 6 11.92 -5.70 1.84
CA GLY A 6 10.94 -5.06 0.95
C GLY A 6 10.95 -3.55 1.12
N VAL A 7 9.80 -2.99 1.50
CA VAL A 7 9.65 -1.55 1.69
C VAL A 7 8.93 -1.25 3.00
N TYR A 8 8.94 0.03 3.40
CA TYR A 8 8.29 0.47 4.65
C TYR A 8 7.39 1.69 4.38
N VAL A 9 6.23 1.71 5.03
CA VAL A 9 5.29 2.81 4.88
C VAL A 9 5.84 4.06 5.53
N MET A 10 5.87 5.19 4.79
CA MET A 10 6.42 6.43 5.32
C MET A 10 5.42 7.12 6.25
N SER A 11 4.28 7.56 5.70
CA SER A 11 3.27 8.27 6.50
C SER A 11 1.87 7.72 6.23
N VAL A 12 0.95 8.00 7.17
CA VAL A 12 -0.44 7.56 7.07
C VAL A 12 -1.34 8.77 7.20
N LEU A 13 -2.37 8.86 6.35
CA LEU A 13 -3.27 10.01 6.39
C LEU A 13 -4.65 9.63 6.96
N PRO A 14 -5.32 10.55 7.62
CA PRO A 14 -6.68 10.30 8.19
C PRO A 14 -7.73 10.25 7.08
N ASN A 15 -8.85 9.59 7.38
CA ASN A 15 -9.97 9.45 6.44
C ASN A 15 -9.56 8.65 5.22
N MET A 16 -8.58 7.74 5.39
CA MET A 16 -8.10 6.91 4.27
C MET A 16 -8.59 5.47 4.43
N PRO A 17 -8.64 4.72 3.35
CA PRO A 17 -9.12 3.30 3.39
C PRO A 17 -8.21 2.39 4.22
N ALA A 18 -6.95 2.81 4.46
CA ALA A 18 -6.01 1.98 5.23
C ALA A 18 -5.90 2.48 6.68
N ALA A 19 -6.36 3.70 6.89
CA ALA A 19 -6.32 4.30 8.23
C ALA A 19 -7.14 3.42 9.18
N GLY A 20 -6.54 3.08 10.33
CA GLY A 20 -7.21 2.23 11.33
C GLY A 20 -6.78 0.77 11.19
N ARG A 21 -6.02 0.49 10.13
CA ARG A 21 -5.52 -0.88 9.87
C ARG A 21 -4.04 -0.85 9.49
N LEU A 22 -3.61 0.29 8.98
CA LEU A 22 -2.22 0.48 8.56
C LEU A 22 -1.56 1.57 9.40
N GLU A 23 -0.34 1.30 9.87
CA GLU A 23 0.40 2.24 10.68
C GLU A 23 1.85 2.32 10.21
N ALA A 24 2.43 3.50 10.36
CA ALA A 24 3.81 3.74 9.96
C ALA A 24 4.71 2.72 10.65
N GLY A 25 5.66 2.17 9.90
CA GLY A 25 6.60 1.17 10.42
C GLY A 25 6.30 -0.20 9.82
N ASP A 26 5.05 -0.42 9.44
CA ASP A 26 4.67 -1.70 8.84
C ASP A 26 5.38 -1.93 7.50
N ARG A 27 5.73 -3.18 7.21
CA ARG A 27 6.42 -3.54 5.95
C ARG A 27 5.47 -4.32 5.05
N ILE A 28 5.57 -4.05 3.75
CA ILE A 28 4.74 -4.74 2.76
C ILE A 28 5.48 -5.96 2.25
N ALA A 29 4.88 -7.11 2.40
CA ALA A 29 5.47 -8.38 1.95
C ALA A 29 4.99 -8.75 0.56
N ALA A 30 3.84 -8.22 0.16
CA ALA A 30 3.28 -8.53 -1.16
C ALA A 30 1.95 -7.82 -1.37
N ILE A 31 1.63 -7.57 -2.64
CA ILE A 31 0.36 -6.92 -3.02
C ILE A 31 -0.33 -7.74 -4.10
N ASP A 32 -1.57 -8.10 -3.83
CA ASP A 32 -2.37 -8.89 -4.78
C ASP A 32 -1.64 -10.17 -5.19
N GLY A 33 -0.63 -10.54 -4.39
CA GLY A 33 0.15 -11.76 -4.65
C GLY A 33 1.51 -11.44 -5.25
N GLN A 34 1.76 -10.15 -5.55
CA GLN A 34 3.04 -9.73 -6.13
C GLN A 34 4.03 -9.25 -5.05
N PRO A 35 5.11 -9.97 -4.78
CA PRO A 35 6.12 -9.54 -3.76
C PRO A 35 6.71 -8.16 -4.10
N ILE A 36 6.86 -7.30 -3.09
CA ILE A 36 7.38 -5.94 -3.31
C ILE A 36 8.88 -5.85 -2.99
N ASN A 37 9.67 -5.77 -4.04
CA ASN A 37 11.14 -5.66 -3.93
C ASN A 37 11.62 -4.22 -4.16
N THR A 38 10.82 -3.44 -4.89
CA THR A 38 11.18 -2.04 -5.18
C THR A 38 9.95 -1.14 -5.11
N SER A 39 10.20 0.15 -4.96
CA SER A 39 9.12 1.13 -4.90
C SER A 39 8.44 1.20 -6.27
N GLU A 40 9.17 0.82 -7.31
CA GLU A 40 8.65 0.83 -8.67
C GLU A 40 7.52 -0.18 -8.81
N GLN A 41 7.62 -1.27 -8.08
CA GLN A 41 6.59 -2.30 -8.14
C GLN A 41 5.26 -1.72 -7.68
N ILE A 42 5.30 -0.75 -6.76
CA ILE A 42 4.09 -0.11 -6.25
C ILE A 42 3.53 0.86 -7.28
N VAL A 43 4.42 1.40 -8.10
CA VAL A 43 4.02 2.34 -9.14
C VAL A 43 3.20 1.61 -10.21
N SER A 44 3.66 0.42 -10.58
CA SER A 44 2.95 -0.38 -11.58
C SER A 44 1.58 -0.76 -11.07
N TYR A 45 1.52 -1.11 -9.79
CA TYR A 45 0.26 -1.52 -9.18
C TYR A 45 -0.79 -0.40 -9.31
N VAL A 46 -0.47 0.79 -8.82
CA VAL A 46 -1.42 1.89 -8.87
C VAL A 46 -1.86 2.12 -10.32
N ARG A 47 -0.91 2.09 -11.23
CA ARG A 47 -1.20 2.29 -12.64
C ARG A 47 -1.96 1.09 -13.20
N GLU A 48 -1.62 -0.12 -12.72
CA GLU A 48 -2.29 -1.33 -13.20
C GLU A 48 -3.80 -1.20 -13.08
N LYS A 49 -4.28 -1.05 -11.85
CA LYS A 49 -5.70 -0.92 -11.60
C LYS A 49 -6.15 0.53 -11.75
N GLN A 50 -7.40 0.81 -11.33
CA GLN A 50 -7.96 2.16 -11.45
C GLN A 50 -8.61 2.62 -10.14
N ALA A 51 -9.09 3.86 -10.14
CA ALA A 51 -9.73 4.43 -8.97
C ALA A 51 -10.97 3.60 -8.62
N GLY A 52 -11.14 3.29 -7.32
CA GLY A 52 -12.27 2.49 -6.85
C GLY A 52 -11.93 1.01 -6.83
N ASP A 53 -10.71 0.67 -7.23
CA ASP A 53 -10.27 -0.72 -7.27
C ASP A 53 -10.12 -1.28 -5.87
N ARG A 54 -9.93 -2.61 -5.78
CA ARG A 54 -9.77 -3.28 -4.48
C ARG A 54 -8.71 -4.35 -4.60
N VAL A 55 -7.63 -4.20 -3.84
CA VAL A 55 -6.52 -5.18 -3.85
C VAL A 55 -6.14 -5.63 -2.43
N ARG A 56 -5.95 -6.94 -2.32
CA ARG A 56 -5.58 -7.57 -1.05
C ARG A 56 -4.10 -7.33 -0.81
N VAL A 57 -3.81 -6.42 0.13
CA VAL A 57 -2.43 -6.07 0.45
C VAL A 57 -1.93 -6.88 1.63
N THR A 58 -0.70 -7.40 1.52
CA THR A 58 -0.10 -8.21 2.59
C THR A 58 0.97 -7.39 3.31
N PHE A 59 1.01 -7.47 4.65
CA PHE A 59 2.01 -6.74 5.43
C PHE A 59 2.34 -7.52 6.70
N ILE A 60 3.58 -7.36 7.22
CA ILE A 60 4.03 -8.05 8.43
C ILE A 60 4.03 -7.14 9.64
N ARG A 61 3.56 -7.69 10.76
CA ARG A 61 3.53 -7.00 12.04
C ARG A 61 3.83 -7.98 13.18
N ASP A 62 4.93 -7.71 13.88
CA ASP A 62 5.35 -8.55 15.00
C ASP A 62 5.44 -10.01 14.57
N ARG A 63 6.01 -10.26 13.41
CA ARG A 63 6.17 -11.62 12.91
C ARG A 63 4.80 -12.24 12.57
N LYS A 64 3.75 -11.43 12.61
CA LYS A 64 2.39 -11.91 12.30
C LYS A 64 1.90 -11.28 11.01
N GLN A 65 1.73 -12.11 9.98
CA GLN A 65 1.28 -11.65 8.68
C GLN A 65 -0.22 -11.35 8.71
N HIS A 66 -0.64 -10.34 7.95
CA HIS A 66 -2.05 -9.95 7.86
C HIS A 66 -2.34 -9.21 6.56
N GLU A 67 -3.49 -9.51 5.97
CA GLU A 67 -3.93 -8.90 4.71
C GLU A 67 -4.75 -7.62 4.99
N ALA A 68 -4.36 -6.53 4.33
CA ALA A 68 -5.03 -5.23 4.51
C ALA A 68 -5.84 -4.88 3.26
N GLU A 69 -7.12 -4.63 3.49
CA GLU A 69 -8.06 -4.29 2.41
C GLU A 69 -7.88 -2.82 2.02
N LEU A 70 -7.16 -2.59 0.92
CA LEU A 70 -6.90 -1.23 0.41
C LEU A 70 -7.57 -1.01 -0.95
N VAL A 71 -7.94 0.24 -1.19
CA VAL A 71 -8.61 0.63 -2.43
C VAL A 71 -8.03 1.94 -2.99
N LEU A 72 -7.83 1.98 -4.29
CA LEU A 72 -7.31 3.17 -4.95
C LEU A 72 -8.26 4.34 -4.74
N LYS A 73 -7.73 5.40 -4.10
CA LYS A 73 -8.50 6.62 -3.81
C LYS A 73 -7.91 7.87 -4.51
N PRO A 74 -8.65 8.54 -5.37
CA PRO A 74 -8.16 9.76 -6.09
C PRO A 74 -8.13 10.99 -5.21
N PHE A 75 -7.59 12.07 -5.75
CA PHE A 75 -7.48 13.32 -5.00
C PHE A 75 -8.79 14.15 -5.13
N PRO A 76 -9.03 15.07 -4.22
CA PRO A 76 -10.26 15.92 -4.24
C PRO A 76 -10.60 16.47 -5.64
N HIS A 77 -10.01 17.61 -5.99
CA HIS A 77 -10.25 18.26 -7.27
C HIS A 77 -9.11 17.99 -8.24
N HIS A 78 -8.20 17.10 -7.83
CA HIS A 78 -7.05 16.72 -8.67
C HIS A 78 -7.04 15.21 -8.94
N PRO A 79 -8.16 14.65 -9.39
CA PRO A 79 -8.26 13.18 -9.68
C PRO A 79 -7.28 12.76 -10.77
N ASN A 80 -6.60 13.75 -11.36
CA ASN A 80 -5.64 13.47 -12.41
C ASN A 80 -4.67 12.38 -11.98
N GLN A 81 -4.67 12.05 -10.68
CA GLN A 81 -3.78 11.02 -10.14
C GLN A 81 -4.59 10.06 -9.27
N ILE A 82 -3.88 9.24 -8.50
CA ILE A 82 -4.50 8.24 -7.64
C ILE A 82 -3.94 8.34 -6.23
N GLY A 83 -4.57 7.63 -5.30
CA GLY A 83 -4.16 7.63 -3.90
C GLY A 83 -2.65 7.45 -3.74
N LEU A 84 -1.91 8.55 -3.88
CA LEU A 84 -0.44 8.54 -3.75
C LEU A 84 -0.02 9.02 -2.38
N GLY A 85 -0.99 9.44 -1.58
CA GLY A 85 -0.70 9.95 -0.25
C GLY A 85 0.25 9.03 0.53
N VAL A 86 0.26 7.74 0.16
CA VAL A 86 1.12 6.75 0.82
C VAL A 86 2.26 6.33 -0.11
N THR A 87 3.42 6.04 0.48
CA THR A 87 4.60 5.66 -0.28
C THR A 87 4.48 4.23 -0.79
N MET A 1 19.90 -13.78 9.44
CA MET A 1 19.57 -12.59 8.59
C MET A 1 18.56 -13.02 7.53
N ASN A 2 17.74 -12.06 7.10
CA ASN A 2 16.71 -12.34 6.10
C ASN A 2 17.30 -12.34 4.69
N GLU A 3 16.51 -12.82 3.72
CA GLU A 3 16.96 -12.89 2.34
C GLU A 3 16.97 -11.49 1.70
N ALA A 4 15.79 -10.99 1.34
CA ALA A 4 15.66 -9.65 0.72
C ALA A 4 14.54 -8.86 1.38
N LYS A 5 14.77 -7.55 1.58
CA LYS A 5 13.77 -6.67 2.21
C LYS A 5 12.77 -6.15 1.18
N GLY A 6 11.72 -5.47 1.66
CA GLY A 6 10.68 -4.90 0.79
C GLY A 6 10.67 -3.39 0.84
N VAL A 7 9.56 -2.80 1.28
CA VAL A 7 9.40 -1.34 1.35
C VAL A 7 8.86 -0.94 2.72
N TYR A 8 8.87 0.36 3.00
CA TYR A 8 8.39 0.90 4.29
C TYR A 8 7.47 2.09 4.08
N VAL A 9 6.30 2.05 4.72
CA VAL A 9 5.31 3.13 4.60
C VAL A 9 5.82 4.37 5.30
N MET A 10 5.82 5.52 4.60
CA MET A 10 6.32 6.75 5.17
C MET A 10 5.32 7.34 6.16
N SER A 11 4.08 7.52 5.71
CA SER A 11 3.05 8.12 6.58
C SER A 11 1.67 7.56 6.26
N VAL A 12 0.73 7.80 7.18
CA VAL A 12 -0.66 7.35 7.04
C VAL A 12 -1.58 8.53 7.20
N LEU A 13 -2.58 8.64 6.33
CA LEU A 13 -3.52 9.77 6.38
C LEU A 13 -4.88 9.32 6.94
N PRO A 14 -5.62 10.24 7.56
CA PRO A 14 -6.96 9.93 8.13
C PRO A 14 -8.01 9.72 7.04
N ASN A 15 -9.09 9.03 7.41
CA ASN A 15 -10.18 8.75 6.50
C ASN A 15 -9.68 8.04 5.26
N MET A 16 -8.65 7.21 5.42
CA MET A 16 -8.07 6.47 4.29
C MET A 16 -8.45 4.99 4.36
N PRO A 17 -8.35 4.26 3.25
CA PRO A 17 -8.70 2.82 3.21
C PRO A 17 -7.89 1.97 4.20
N ALA A 18 -6.65 2.39 4.49
CA ALA A 18 -5.77 1.64 5.40
C ALA A 18 -5.79 2.23 6.81
N ALA A 19 -6.33 3.43 6.93
CA ALA A 19 -6.41 4.09 8.23
C ALA A 19 -7.23 3.23 9.19
N GLY A 20 -6.61 2.86 10.32
CA GLY A 20 -7.28 2.02 11.33
C GLY A 20 -6.91 0.55 11.15
N ARG A 21 -6.21 0.24 10.06
CA ARG A 21 -5.78 -1.13 9.75
C ARG A 21 -4.25 -1.22 9.67
N LEU A 22 -3.65 -0.09 9.34
CA LEU A 22 -2.18 0.01 9.21
C LEU A 22 -1.67 1.32 9.80
N GLU A 23 -0.34 1.42 9.91
CA GLU A 23 0.30 2.60 10.46
C GLU A 23 1.74 2.74 9.96
N ALA A 24 2.28 3.94 10.16
CA ALA A 24 3.65 4.23 9.76
C ALA A 24 4.58 3.27 10.48
N GLY A 25 5.58 2.76 9.76
CA GLY A 25 6.56 1.81 10.30
C GLY A 25 6.35 0.42 9.71
N ASP A 26 5.13 0.13 9.27
CA ASP A 26 4.83 -1.17 8.67
C ASP A 26 5.46 -1.29 7.28
N ARG A 27 5.74 -2.53 6.84
CA ARG A 27 6.34 -2.77 5.52
C ARG A 27 5.43 -3.69 4.71
N ILE A 28 5.48 -3.53 3.39
CA ILE A 28 4.67 -4.34 2.48
C ILE A 28 5.49 -5.52 1.97
N ALA A 29 4.92 -6.71 2.08
CA ALA A 29 5.59 -7.94 1.62
C ALA A 29 5.09 -8.36 0.24
N ALA A 30 3.85 -7.98 -0.08
CA ALA A 30 3.26 -8.33 -1.37
C ALA A 30 1.92 -7.66 -1.57
N ILE A 31 1.59 -7.40 -2.85
CA ILE A 31 0.31 -6.78 -3.21
C ILE A 31 -0.39 -7.62 -4.28
N ASP A 32 -1.62 -8.01 -3.96
CA ASP A 32 -2.43 -8.81 -4.88
C ASP A 32 -1.70 -10.09 -5.28
N GLY A 33 -0.68 -10.46 -4.51
CA GLY A 33 0.10 -11.69 -4.77
C GLY A 33 1.46 -11.38 -5.36
N GLN A 34 1.71 -10.10 -5.66
CA GLN A 34 2.99 -9.69 -6.26
C GLN A 34 3.97 -9.18 -5.19
N PRO A 35 5.04 -9.90 -4.89
CA PRO A 35 6.06 -9.45 -3.89
C PRO A 35 6.66 -8.08 -4.27
N ILE A 36 6.82 -7.19 -3.28
CA ILE A 36 7.35 -5.85 -3.53
C ILE A 36 8.84 -5.76 -3.22
N ASN A 37 9.62 -5.69 -4.29
CA ASN A 37 11.09 -5.59 -4.21
C ASN A 37 11.57 -4.17 -4.49
N THR A 38 10.75 -3.39 -5.19
CA THR A 38 11.11 -1.99 -5.53
C THR A 38 9.88 -1.09 -5.49
N SER A 39 10.13 0.21 -5.38
CA SER A 39 9.05 1.19 -5.36
C SER A 39 8.35 1.20 -6.72
N GLU A 40 9.08 0.77 -7.75
CA GLU A 40 8.55 0.73 -9.11
C GLU A 40 7.41 -0.28 -9.19
N GLN A 41 7.53 -1.36 -8.43
CA GLN A 41 6.50 -2.38 -8.44
C GLN A 41 5.17 -1.78 -8.01
N ILE A 42 5.21 -0.81 -7.11
CA ILE A 42 3.99 -0.15 -6.63
C ILE A 42 3.40 0.75 -7.71
N VAL A 43 4.27 1.25 -8.59
CA VAL A 43 3.82 2.11 -9.67
C VAL A 43 2.95 1.32 -10.64
N SER A 44 3.37 0.10 -10.95
CA SER A 44 2.61 -0.75 -11.85
C SER A 44 1.24 -1.05 -11.24
N TYR A 45 1.23 -1.31 -9.95
CA TYR A 45 -0.02 -1.63 -9.26
C TYR A 45 -1.06 -0.51 -9.46
N VAL A 46 -0.72 0.71 -9.06
CA VAL A 46 -1.64 1.82 -9.21
C VAL A 46 -2.05 1.97 -10.67
N ARG A 47 -1.08 1.85 -11.56
CA ARG A 47 -1.35 1.97 -12.99
C ARG A 47 -2.30 0.87 -13.47
N GLU A 48 -2.06 -0.36 -13.04
CA GLU A 48 -2.92 -1.48 -13.43
C GLU A 48 -4.35 -1.24 -12.97
N LYS A 49 -4.51 -1.07 -11.67
CA LYS A 49 -5.83 -0.84 -11.07
C LYS A 49 -6.23 0.62 -11.21
N GLN A 50 -7.49 0.92 -10.87
CA GLN A 50 -8.02 2.28 -10.98
C GLN A 50 -8.84 2.66 -9.74
N ALA A 51 -9.50 3.83 -9.83
CA ALA A 51 -10.33 4.30 -8.73
C ALA A 51 -11.54 3.38 -8.54
N GLY A 52 -11.76 2.94 -7.30
CA GLY A 52 -12.89 2.05 -6.98
C GLY A 52 -12.43 0.59 -6.93
N ASP A 53 -11.19 0.33 -7.34
CA ASP A 53 -10.66 -1.02 -7.34
C ASP A 53 -10.41 -1.52 -5.92
N ARG A 54 -10.03 -2.79 -5.80
CA ARG A 54 -9.75 -3.42 -4.51
C ARG A 54 -8.61 -4.42 -4.65
N VAL A 55 -7.61 -4.28 -3.78
CA VAL A 55 -6.45 -5.18 -3.82
C VAL A 55 -6.08 -5.68 -2.41
N ARG A 56 -5.86 -6.99 -2.35
CA ARG A 56 -5.49 -7.68 -1.12
C ARG A 56 -4.01 -7.43 -0.86
N VAL A 57 -3.71 -6.52 0.06
CA VAL A 57 -2.33 -6.16 0.38
C VAL A 57 -1.81 -6.95 1.57
N THR A 58 -0.59 -7.46 1.45
CA THR A 58 0.06 -8.23 2.52
C THR A 58 1.12 -7.38 3.20
N PHE A 59 1.21 -7.45 4.53
CA PHE A 59 2.21 -6.67 5.27
C PHE A 59 2.63 -7.44 6.54
N ILE A 60 3.85 -7.14 7.03
CA ILE A 60 4.38 -7.81 8.22
C ILE A 60 4.46 -6.85 9.41
N ARG A 61 4.01 -7.35 10.56
CA ARG A 61 4.04 -6.60 11.81
C ARG A 61 4.39 -7.52 12.99
N ASP A 62 5.45 -7.16 13.71
CA ASP A 62 5.89 -7.93 14.87
C ASP A 62 5.96 -9.42 14.53
N ARG A 63 6.56 -9.74 13.39
CA ARG A 63 6.71 -11.13 12.96
C ARG A 63 5.34 -11.75 12.62
N LYS A 64 4.28 -10.92 12.63
CA LYS A 64 2.93 -11.40 12.33
C LYS A 64 2.45 -10.78 11.02
N GLN A 65 2.22 -11.63 10.02
CA GLN A 65 1.77 -11.19 8.71
C GLN A 65 0.26 -11.17 8.64
N HIS A 66 -0.28 -10.16 7.93
CA HIS A 66 -1.73 -10.02 7.77
C HIS A 66 -2.06 -9.31 6.45
N GLU A 67 -3.22 -9.66 5.88
CA GLU A 67 -3.69 -9.08 4.63
C GLU A 67 -4.58 -7.86 4.91
N ALA A 68 -4.24 -6.74 4.27
CA ALA A 68 -4.95 -5.47 4.45
C ALA A 68 -5.79 -5.16 3.20
N GLU A 69 -7.08 -4.97 3.44
CA GLU A 69 -8.04 -4.66 2.37
C GLU A 69 -8.08 -3.16 2.12
N LEU A 70 -7.42 -2.74 1.05
CA LEU A 70 -7.33 -1.32 0.68
C LEU A 70 -8.07 -1.04 -0.62
N VAL A 71 -8.60 0.18 -0.76
CA VAL A 71 -9.34 0.60 -1.95
C VAL A 71 -8.72 1.85 -2.58
N LEU A 72 -8.51 1.80 -3.88
CA LEU A 72 -7.93 2.92 -4.59
C LEU A 72 -8.76 4.17 -4.37
N LYS A 73 -8.12 5.21 -3.80
CA LYS A 73 -8.80 6.48 -3.51
C LYS A 73 -8.10 7.66 -4.21
N PRO A 74 -8.75 8.37 -5.13
CA PRO A 74 -8.16 9.53 -5.85
C PRO A 74 -8.09 10.78 -4.97
N PHE A 75 -7.56 11.85 -5.54
CA PHE A 75 -7.42 13.11 -4.81
C PHE A 75 -8.68 13.99 -4.99
N PRO A 76 -9.00 14.84 -4.03
CA PRO A 76 -10.20 15.73 -4.11
C PRO A 76 -10.04 16.83 -5.16
N HIS A 77 -9.03 17.68 -4.98
CA HIS A 77 -8.79 18.79 -5.91
C HIS A 77 -7.67 18.44 -6.87
N HIS A 78 -7.42 17.14 -7.04
CA HIS A 78 -6.38 16.67 -7.95
C HIS A 78 -6.57 15.18 -8.25
N PRO A 79 -7.77 14.75 -8.53
CA PRO A 79 -8.07 13.30 -8.81
C PRO A 79 -7.19 12.73 -9.92
N ASN A 80 -6.47 13.62 -10.60
CA ASN A 80 -5.60 13.20 -11.68
C ASN A 80 -4.61 12.16 -11.19
N GLN A 81 -4.57 11.93 -9.87
CA GLN A 81 -3.63 10.97 -9.28
C GLN A 81 -4.38 10.04 -8.34
N ILE A 82 -3.81 8.86 -8.12
CA ILE A 82 -4.43 7.86 -7.25
C ILE A 82 -3.36 7.11 -6.44
N GLY A 83 -3.68 6.79 -5.20
CA GLY A 83 -2.74 6.07 -4.34
C GLY A 83 -1.57 6.94 -3.92
N LEU A 84 -1.59 8.21 -4.34
CA LEU A 84 -0.52 9.14 -4.01
C LEU A 84 -0.46 9.42 -2.51
N GLY A 85 -1.63 9.56 -1.89
CA GLY A 85 -1.73 9.86 -0.46
C GLY A 85 -0.61 9.21 0.35
N VAL A 86 -0.36 7.92 0.11
CA VAL A 86 0.70 7.17 0.80
C VAL A 86 1.82 6.81 -0.15
N THR A 87 3.01 6.56 0.40
CA THR A 87 4.18 6.23 -0.40
C THR A 87 4.10 4.78 -0.91
N MET A 1 11.66 6.51 7.28
CA MET A 1 12.93 6.62 6.51
C MET A 1 13.80 5.40 6.83
N ASN A 2 13.87 4.46 5.88
CA ASN A 2 14.66 3.26 6.08
C ASN A 2 14.89 2.53 4.75
N GLU A 3 13.86 1.84 4.27
CA GLU A 3 13.95 1.10 3.01
C GLU A 3 15.04 0.03 3.09
N ALA A 4 14.91 -0.85 4.09
CA ALA A 4 15.90 -1.91 4.30
C ALA A 4 15.87 -2.93 3.16
N LYS A 5 14.73 -3.62 2.99
CA LYS A 5 14.58 -4.65 1.93
C LYS A 5 13.47 -4.29 0.95
N GLY A 6 12.31 -3.84 1.48
CA GLY A 6 11.16 -3.48 0.63
C GLY A 6 10.82 -1.99 0.77
N VAL A 7 9.66 -1.70 1.35
CA VAL A 7 9.20 -0.32 1.54
C VAL A 7 8.60 -0.14 2.93
N TYR A 8 8.55 1.12 3.39
CA TYR A 8 8.01 1.45 4.72
C TYR A 8 6.97 2.56 4.62
N VAL A 9 5.86 2.41 5.35
CA VAL A 9 4.79 3.39 5.36
C VAL A 9 5.16 4.57 6.25
N MET A 10 5.08 5.78 5.71
CA MET A 10 5.42 6.98 6.48
C MET A 10 4.35 7.33 7.51
N SER A 11 3.16 7.70 7.02
CA SER A 11 2.04 8.09 7.90
C SER A 11 0.78 7.34 7.54
N VAL A 12 -0.16 7.30 8.50
CA VAL A 12 -1.45 6.62 8.33
C VAL A 12 -2.56 7.60 8.69
N LEU A 13 -3.64 7.60 7.90
CA LEU A 13 -4.77 8.51 8.15
C LEU A 13 -6.00 7.75 8.65
N PRO A 14 -6.78 8.34 9.54
CA PRO A 14 -8.01 7.70 10.09
C PRO A 14 -9.15 7.63 9.06
N ASN A 15 -9.11 8.53 8.07
CA ASN A 15 -10.15 8.58 7.04
C ASN A 15 -9.70 7.88 5.77
N MET A 16 -8.65 7.04 5.88
CA MET A 16 -8.13 6.31 4.71
C MET A 16 -8.38 4.80 4.85
N PRO A 17 -8.37 4.07 3.75
CA PRO A 17 -8.62 2.59 3.76
C PRO A 17 -7.72 1.84 4.75
N ALA A 18 -6.50 2.32 4.95
CA ALA A 18 -5.56 1.67 5.85
C ALA A 18 -5.92 1.88 7.32
N ALA A 19 -6.90 2.75 7.55
CA ALA A 19 -7.30 3.04 8.93
C ALA A 19 -7.86 1.79 9.60
N GLY A 20 -7.10 1.24 10.56
CA GLY A 20 -7.52 0.05 11.29
C GLY A 20 -6.94 -1.22 10.67
N ARG A 21 -6.42 -1.10 9.43
CA ARG A 21 -5.83 -2.23 8.71
C ARG A 21 -4.31 -2.10 8.63
N LEU A 22 -3.86 -0.87 8.36
CA LEU A 22 -2.42 -0.56 8.25
C LEU A 22 -2.06 0.59 9.18
N GLU A 23 -0.77 0.65 9.53
CA GLU A 23 -0.26 1.70 10.43
C GLU A 23 1.14 2.13 10.03
N ALA A 24 1.51 3.34 10.46
CA ALA A 24 2.82 3.89 10.18
C ALA A 24 3.88 3.01 10.83
N GLY A 25 4.94 2.71 10.08
CA GLY A 25 6.03 1.87 10.59
C GLY A 25 5.99 0.50 9.92
N ASP A 26 4.80 0.08 9.49
CA ASP A 26 4.64 -1.22 8.83
C ASP A 26 5.25 -1.18 7.43
N ARG A 27 5.73 -2.33 6.96
CA ARG A 27 6.31 -2.45 5.61
C ARG A 27 5.46 -3.35 4.73
N ILE A 28 5.55 -3.15 3.41
CA ILE A 28 4.77 -3.95 2.47
C ILE A 28 5.64 -5.08 1.92
N ALA A 29 5.21 -6.32 2.14
CA ALA A 29 5.93 -7.50 1.66
C ALA A 29 5.39 -7.97 0.32
N ALA A 30 4.16 -7.59 0.01
CA ALA A 30 3.53 -7.99 -1.24
C ALA A 30 2.16 -7.32 -1.42
N ILE A 31 1.72 -7.26 -2.67
CA ILE A 31 0.40 -6.68 -3.01
C ILE A 31 -0.32 -7.57 -4.01
N ASP A 32 -1.53 -7.98 -3.66
CA ASP A 32 -2.34 -8.82 -4.56
C ASP A 32 -1.55 -10.04 -5.03
N GLY A 33 -0.50 -10.41 -4.27
CA GLY A 33 0.35 -11.56 -4.60
C GLY A 33 1.64 -11.13 -5.28
N GLN A 34 1.75 -9.84 -5.60
CA GLN A 34 2.95 -9.33 -6.27
C GLN A 34 4.01 -8.85 -5.26
N PRO A 35 5.24 -9.35 -5.32
CA PRO A 35 6.31 -8.94 -4.36
C PRO A 35 6.85 -7.54 -4.71
N ILE A 36 6.96 -6.68 -3.68
CA ILE A 36 7.44 -5.30 -3.89
C ILE A 36 8.92 -5.14 -3.54
N ASN A 37 9.71 -4.91 -4.58
CA ASN A 37 11.17 -4.72 -4.45
C ASN A 37 11.58 -3.30 -4.87
N THR A 38 10.70 -2.62 -5.61
CA THR A 38 10.96 -1.25 -6.08
C THR A 38 9.73 -0.38 -5.98
N SER A 39 9.95 0.92 -5.89
CA SER A 39 8.86 1.86 -5.82
C SER A 39 8.10 1.83 -7.13
N GLU A 40 8.76 1.39 -8.19
CA GLU A 40 8.14 1.32 -9.51
C GLU A 40 7.05 0.26 -9.53
N GLN A 41 7.28 -0.83 -8.81
CA GLN A 41 6.30 -1.91 -8.77
C GLN A 41 4.96 -1.37 -8.29
N ILE A 42 4.99 -0.36 -7.44
CA ILE A 42 3.76 0.25 -6.91
C ILE A 42 3.11 1.13 -7.97
N VAL A 43 3.91 1.65 -8.88
CA VAL A 43 3.40 2.51 -9.96
C VAL A 43 2.56 1.68 -10.94
N SER A 44 3.04 0.50 -11.27
CA SER A 44 2.32 -0.38 -12.19
C SER A 44 0.99 -0.80 -11.57
N TYR A 45 1.04 -1.10 -10.28
CA TYR A 45 -0.14 -1.55 -9.56
C TYR A 45 -1.26 -0.49 -9.65
N VAL A 46 -0.98 0.72 -9.20
CA VAL A 46 -1.97 1.78 -9.22
C VAL A 46 -2.46 2.01 -10.65
N ARG A 47 -1.55 1.96 -11.60
CA ARG A 47 -1.91 2.15 -13.01
C ARG A 47 -2.80 1.00 -13.49
N GLU A 48 -2.51 -0.22 -13.03
CA GLU A 48 -3.30 -1.38 -13.45
C GLU A 48 -4.76 -1.22 -12.98
N LYS A 49 -4.93 -0.98 -11.68
CA LYS A 49 -6.25 -0.83 -11.09
C LYS A 49 -6.72 0.61 -11.17
N GLN A 50 -8.04 0.81 -11.13
CA GLN A 50 -8.64 2.15 -11.21
C GLN A 50 -9.29 2.56 -9.90
N ALA A 51 -9.89 3.74 -9.90
CA ALA A 51 -10.55 4.25 -8.70
C ALA A 51 -11.74 3.37 -8.34
N GLY A 52 -11.89 3.06 -7.05
CA GLY A 52 -12.99 2.22 -6.58
C GLY A 52 -12.58 0.74 -6.55
N ASP A 53 -11.35 0.47 -6.98
CA ASP A 53 -10.84 -0.91 -7.02
C ASP A 53 -10.51 -1.40 -5.61
N ARG A 54 -10.20 -2.69 -5.50
CA ARG A 54 -9.86 -3.31 -4.21
C ARG A 54 -8.74 -4.32 -4.38
N VAL A 55 -7.72 -4.21 -3.53
CA VAL A 55 -6.58 -5.13 -3.61
C VAL A 55 -6.10 -5.56 -2.21
N ARG A 56 -5.89 -6.86 -2.09
CA ARG A 56 -5.42 -7.46 -0.83
C ARG A 56 -3.95 -7.15 -0.67
N VAL A 57 -3.64 -6.25 0.27
CA VAL A 57 -2.26 -5.83 0.52
C VAL A 57 -1.67 -6.61 1.69
N THR A 58 -0.42 -7.05 1.54
CA THR A 58 0.27 -7.80 2.59
C THR A 58 1.29 -6.90 3.29
N PHE A 59 1.39 -7.00 4.61
CA PHE A 59 2.37 -6.20 5.36
C PHE A 59 2.81 -6.95 6.62
N ILE A 60 4.05 -6.67 7.09
CA ILE A 60 4.61 -7.35 8.28
C ILE A 60 4.68 -6.41 9.48
N ARG A 61 4.19 -6.90 10.61
CA ARG A 61 4.21 -6.16 11.87
C ARG A 61 4.59 -7.09 13.01
N ASP A 62 5.64 -6.71 13.73
CA ASP A 62 6.12 -7.48 14.87
C ASP A 62 6.29 -8.94 14.47
N ARG A 63 6.86 -9.20 13.29
CA ARG A 63 7.08 -10.58 12.82
C ARG A 63 5.74 -11.26 12.46
N LYS A 64 4.63 -10.55 12.64
CA LYS A 64 3.31 -11.10 12.35
C LYS A 64 2.74 -10.49 11.09
N GLN A 65 2.72 -11.26 10.01
CA GLN A 65 2.20 -10.80 8.74
C GLN A 65 0.68 -10.81 8.73
N HIS A 66 0.11 -9.83 8.03
CA HIS A 66 -1.35 -9.70 7.92
C HIS A 66 -1.74 -8.97 6.64
N GLU A 67 -2.88 -9.38 6.07
CA GLU A 67 -3.40 -8.79 4.85
C GLU A 67 -4.31 -7.60 5.16
N ALA A 68 -4.07 -6.50 4.45
CA ALA A 68 -4.84 -5.26 4.64
C ALA A 68 -5.70 -4.96 3.40
N GLU A 69 -7.00 -4.81 3.65
CA GLU A 69 -7.96 -4.51 2.59
C GLU A 69 -7.90 -3.02 2.25
N LEU A 70 -7.24 -2.70 1.14
CA LEU A 70 -7.08 -1.31 0.70
C LEU A 70 -7.90 -1.04 -0.55
N VAL A 71 -8.47 0.16 -0.63
CA VAL A 71 -9.31 0.56 -1.76
C VAL A 71 -8.67 1.76 -2.48
N LEU A 72 -8.58 1.65 -3.80
CA LEU A 72 -7.99 2.72 -4.60
C LEU A 72 -8.84 3.98 -4.55
N LYS A 73 -8.17 5.11 -4.29
CA LYS A 73 -8.85 6.40 -4.22
C LYS A 73 -7.96 7.54 -4.78
N PRO A 74 -8.49 8.43 -5.59
CA PRO A 74 -7.71 9.57 -6.18
C PRO A 74 -7.38 10.65 -5.16
N PHE A 75 -6.55 11.62 -5.56
CA PHE A 75 -6.16 12.72 -4.69
C PHE A 75 -6.79 14.05 -5.16
N PRO A 76 -7.30 14.88 -4.26
CA PRO A 76 -7.91 16.20 -4.66
C PRO A 76 -7.00 17.00 -5.59
N HIS A 77 -5.70 16.98 -5.32
CA HIS A 77 -4.74 17.71 -6.14
C HIS A 77 -4.55 17.01 -7.49
N HIS A 78 -4.52 15.68 -7.46
CA HIS A 78 -4.34 14.87 -8.68
C HIS A 78 -5.56 13.96 -8.90
N PRO A 79 -6.70 14.53 -9.25
CA PRO A 79 -7.95 13.74 -9.47
C PRO A 79 -7.80 12.74 -10.62
N ASN A 80 -6.95 13.08 -11.59
CA ASN A 80 -6.72 12.23 -12.75
C ASN A 80 -5.62 11.21 -12.44
N GLN A 81 -5.45 10.89 -11.15
CA GLN A 81 -4.44 9.93 -10.73
C GLN A 81 -4.96 9.11 -9.56
N ILE A 82 -4.49 7.86 -9.45
CA ILE A 82 -4.91 6.95 -8.38
C ILE A 82 -3.69 6.44 -7.61
N GLY A 83 -3.81 6.37 -6.29
CA GLY A 83 -2.71 5.89 -5.44
C GLY A 83 -3.25 5.27 -4.16
N LEU A 84 -2.36 4.81 -3.29
CA LEU A 84 -2.78 4.17 -2.05
C LEU A 84 -3.42 5.20 -1.12
N GLY A 85 -2.61 5.85 -0.28
CA GLY A 85 -3.15 6.84 0.66
C GLY A 85 -2.03 7.40 1.55
N VAL A 86 -0.86 6.75 1.51
CA VAL A 86 0.30 7.17 2.33
C VAL A 86 1.36 7.82 1.45
N THR A 87 2.38 8.41 2.08
CA THR A 87 3.46 9.08 1.33
C THR A 87 4.56 8.09 0.97
N MET A 1 19.24 -14.65 8.39
CA MET A 1 18.27 -14.60 7.26
C MET A 1 17.75 -13.19 7.10
N ASN A 2 18.39 -12.41 6.22
CA ASN A 2 18.00 -11.01 5.99
C ASN A 2 18.34 -10.58 4.56
N GLU A 3 17.42 -10.85 3.63
CA GLU A 3 17.62 -10.48 2.22
C GLU A 3 16.81 -9.24 1.90
N ALA A 4 17.12 -8.61 0.75
CA ALA A 4 16.45 -7.37 0.29
C ALA A 4 15.05 -7.22 0.89
N LYS A 5 14.81 -6.08 1.52
CA LYS A 5 13.51 -5.81 2.17
C LYS A 5 12.51 -5.25 1.15
N GLY A 6 11.41 -4.68 1.66
CA GLY A 6 10.36 -4.09 0.81
C GLY A 6 10.32 -2.58 0.92
N VAL A 7 9.17 -2.04 1.31
CA VAL A 7 8.99 -0.58 1.45
C VAL A 7 8.60 -0.24 2.88
N TYR A 8 8.72 1.04 3.23
CA TYR A 8 8.38 1.52 4.59
C TYR A 8 7.30 2.59 4.55
N VAL A 9 6.22 2.36 5.30
CA VAL A 9 5.11 3.31 5.36
C VAL A 9 5.50 4.49 6.24
N MET A 10 5.38 5.71 5.69
CA MET A 10 5.75 6.91 6.42
C MET A 10 4.76 7.20 7.55
N SER A 11 3.52 7.54 7.18
CA SER A 11 2.48 7.86 8.17
C SER A 11 1.14 7.24 7.80
N VAL A 12 0.18 7.36 8.71
CA VAL A 12 -1.18 6.82 8.51
C VAL A 12 -2.18 7.95 8.70
N LEU A 13 -3.13 8.07 7.79
CA LEU A 13 -4.13 9.13 7.86
C LEU A 13 -5.52 8.56 8.15
N PRO A 14 -6.12 8.86 9.30
CA PRO A 14 -7.48 8.34 9.64
C PRO A 14 -8.47 8.50 8.48
N ASN A 15 -9.58 7.77 8.57
CA ASN A 15 -10.61 7.81 7.54
C ASN A 15 -10.13 7.17 6.25
N MET A 16 -9.06 6.38 6.32
CA MET A 16 -8.49 5.74 5.14
C MET A 16 -8.71 4.22 5.16
N PRO A 17 -8.62 3.56 4.02
CA PRO A 17 -8.83 2.09 3.95
C PRO A 17 -7.91 1.30 4.89
N ALA A 18 -6.64 1.73 4.99
CA ALA A 18 -5.65 1.03 5.83
C ALA A 18 -5.73 1.50 7.29
N ALA A 19 -6.45 2.57 7.53
CA ALA A 19 -6.59 3.09 8.88
C ALA A 19 -7.38 2.12 9.75
N GLY A 20 -6.84 1.83 10.93
CA GLY A 20 -7.48 0.92 11.89
C GLY A 20 -6.93 -0.49 11.75
N ARG A 21 -6.21 -0.73 10.64
CA ARG A 21 -5.62 -2.06 10.36
C ARG A 21 -4.15 -1.93 10.02
N LEU A 22 -3.78 -0.73 9.55
CA LEU A 22 -2.38 -0.44 9.19
C LEU A 22 -1.87 0.76 9.99
N GLU A 23 -0.57 0.75 10.28
CA GLU A 23 0.03 1.84 11.06
C GLU A 23 1.45 2.14 10.58
N ALA A 24 1.89 3.36 10.88
CA ALA A 24 3.22 3.80 10.50
C ALA A 24 4.25 2.85 11.08
N GLY A 25 5.25 2.48 10.27
CA GLY A 25 6.30 1.55 10.72
C GLY A 25 6.16 0.21 10.00
N ASP A 26 4.91 -0.13 9.63
CA ASP A 26 4.65 -1.38 8.92
C ASP A 26 5.20 -1.32 7.50
N ARG A 27 5.68 -2.46 6.98
CA ARG A 27 6.24 -2.53 5.62
C ARG A 27 5.38 -3.43 4.75
N ILE A 28 5.54 -3.30 3.43
CA ILE A 28 4.76 -4.12 2.48
C ILE A 28 5.60 -5.27 1.97
N ALA A 29 5.13 -6.49 2.24
CA ALA A 29 5.85 -7.71 1.81
C ALA A 29 5.32 -8.18 0.46
N ALA A 30 4.12 -7.74 0.10
CA ALA A 30 3.52 -8.14 -1.17
C ALA A 30 2.17 -7.45 -1.38
N ILE A 31 1.71 -7.50 -2.63
CA ILE A 31 0.41 -6.93 -3.01
C ILE A 31 -0.30 -7.84 -4.00
N ASP A 32 -1.49 -8.28 -3.63
CA ASP A 32 -2.29 -9.15 -4.50
C ASP A 32 -1.46 -10.34 -4.98
N GLY A 33 -0.42 -10.68 -4.22
CA GLY A 33 0.45 -11.82 -4.56
C GLY A 33 1.72 -11.37 -5.27
N GLN A 34 1.81 -10.08 -5.58
CA GLN A 34 2.98 -9.52 -6.28
C GLN A 34 4.03 -8.98 -5.28
N PRO A 35 5.16 -9.65 -5.10
CA PRO A 35 6.23 -9.17 -4.16
C PRO A 35 6.74 -7.77 -4.56
N ILE A 36 6.90 -6.91 -3.56
CA ILE A 36 7.37 -5.53 -3.79
C ILE A 36 8.84 -5.35 -3.43
N ASN A 37 9.64 -5.11 -4.47
CA ASN A 37 11.10 -4.90 -4.33
C ASN A 37 11.49 -3.47 -4.70
N THR A 38 10.64 -2.79 -5.47
CA THR A 38 10.91 -1.41 -5.90
C THR A 38 9.67 -0.53 -5.73
N SER A 39 9.89 0.78 -5.69
CA SER A 39 8.80 1.73 -5.54
C SER A 39 8.08 1.91 -6.88
N GLU A 40 8.81 1.69 -7.97
CA GLU A 40 8.25 1.83 -9.30
C GLU A 40 7.21 0.75 -9.57
N GLN A 41 7.40 -0.42 -8.95
CA GLN A 41 6.48 -1.52 -9.15
C GLN A 41 5.12 -1.15 -8.62
N ILE A 42 5.09 -0.25 -7.63
CA ILE A 42 3.83 0.18 -7.04
C ILE A 42 3.15 1.21 -7.93
N VAL A 43 3.94 1.91 -8.73
CA VAL A 43 3.40 2.91 -9.65
C VAL A 43 2.65 2.23 -10.80
N SER A 44 3.22 1.15 -11.31
CA SER A 44 2.57 0.40 -12.39
C SER A 44 1.31 -0.29 -11.86
N TYR A 45 1.42 -0.82 -10.65
CA TYR A 45 0.31 -1.55 -10.03
C TYR A 45 -0.92 -0.65 -9.91
N VAL A 46 -0.77 0.50 -9.25
CA VAL A 46 -1.88 1.42 -9.07
C VAL A 46 -2.48 1.80 -10.43
N ARG A 47 -1.63 1.93 -11.45
CA ARG A 47 -2.09 2.25 -12.79
C ARG A 47 -2.95 1.13 -13.37
N GLU A 48 -2.58 -0.12 -13.06
CA GLU A 48 -3.34 -1.26 -13.57
C GLU A 48 -4.79 -1.17 -13.13
N LYS A 49 -4.99 -0.82 -11.86
CA LYS A 49 -6.32 -0.71 -11.26
C LYS A 49 -6.82 0.73 -11.36
N GLN A 50 -8.16 0.86 -11.46
CA GLN A 50 -8.78 2.18 -11.57
C GLN A 50 -9.37 2.62 -10.24
N ALA A 51 -9.95 3.82 -10.24
CA ALA A 51 -10.55 4.37 -9.02
C ALA A 51 -11.76 3.54 -8.61
N GLY A 52 -11.90 3.29 -7.30
CA GLY A 52 -13.03 2.50 -6.79
C GLY A 52 -12.67 1.01 -6.76
N ASP A 53 -11.47 0.68 -7.22
CA ASP A 53 -11.02 -0.71 -7.25
C ASP A 53 -10.72 -1.20 -5.83
N ARG A 54 -10.38 -2.50 -5.72
CA ARG A 54 -10.06 -3.13 -4.44
C ARG A 54 -8.86 -4.07 -4.61
N VAL A 55 -7.87 -3.93 -3.74
CA VAL A 55 -6.67 -4.75 -3.80
C VAL A 55 -6.26 -5.24 -2.40
N ARG A 56 -6.02 -6.54 -2.32
CA ARG A 56 -5.60 -7.19 -1.08
C ARG A 56 -4.11 -6.98 -0.89
N VAL A 57 -3.78 -6.10 0.05
CA VAL A 57 -2.37 -5.76 0.33
C VAL A 57 -1.84 -6.58 1.49
N THR A 58 -0.57 -6.97 1.41
CA THR A 58 0.09 -7.74 2.47
C THR A 58 1.12 -6.88 3.17
N PHE A 59 1.20 -6.99 4.50
CA PHE A 59 2.18 -6.20 5.28
C PHE A 59 2.57 -6.98 6.54
N ILE A 60 3.82 -6.76 7.02
CA ILE A 60 4.32 -7.46 8.21
C ILE A 60 4.41 -6.52 9.41
N ARG A 61 3.93 -7.02 10.54
CA ARG A 61 3.95 -6.28 11.80
C ARG A 61 4.34 -7.22 12.95
N ASP A 62 5.43 -6.87 13.64
CA ASP A 62 5.91 -7.66 14.76
C ASP A 62 6.00 -9.14 14.39
N ARG A 63 6.52 -9.43 13.20
CA ARG A 63 6.67 -10.80 12.74
C ARG A 63 5.31 -11.43 12.41
N LYS A 64 4.23 -10.65 12.51
CA LYS A 64 2.89 -11.14 12.21
C LYS A 64 2.36 -10.55 10.93
N GLN A 65 2.34 -11.37 9.87
CA GLN A 65 1.87 -10.92 8.56
C GLN A 65 0.34 -10.89 8.52
N HIS A 66 -0.19 -9.84 7.89
CA HIS A 66 -1.64 -9.67 7.76
C HIS A 66 -1.99 -8.94 6.46
N GLU A 67 -3.12 -9.33 5.88
CA GLU A 67 -3.62 -8.74 4.63
C GLU A 67 -4.52 -7.54 4.94
N ALA A 68 -4.29 -6.45 4.23
CA ALA A 68 -5.05 -5.21 4.40
C ALA A 68 -5.93 -4.93 3.19
N GLU A 69 -7.24 -4.85 3.45
CA GLU A 69 -8.22 -4.58 2.40
C GLU A 69 -8.19 -3.09 2.07
N LEU A 70 -7.54 -2.76 0.95
CA LEU A 70 -7.41 -1.37 0.50
C LEU A 70 -8.13 -1.12 -0.82
N VAL A 71 -8.61 0.12 -0.99
CA VAL A 71 -9.33 0.53 -2.21
C VAL A 71 -8.72 1.82 -2.79
N LEU A 72 -8.55 1.81 -4.11
CA LEU A 72 -7.94 2.94 -4.80
C LEU A 72 -8.79 4.19 -4.61
N LYS A 73 -8.12 5.29 -4.22
CA LYS A 73 -8.80 6.56 -3.99
C LYS A 73 -7.91 7.74 -4.44
N PRO A 74 -8.07 8.20 -5.67
CA PRO A 74 -7.26 9.35 -6.21
C PRO A 74 -7.19 10.52 -5.24
N PHE A 75 -6.43 11.55 -5.64
CA PHE A 75 -6.26 12.75 -4.80
C PHE A 75 -7.00 13.96 -5.41
N PRO A 76 -7.49 14.88 -4.59
CA PRO A 76 -8.22 16.09 -5.10
C PRO A 76 -7.32 16.99 -5.95
N HIS A 77 -6.02 16.99 -5.62
CA HIS A 77 -5.07 17.81 -6.37
C HIS A 77 -4.79 17.17 -7.73
N HIS A 78 -4.82 15.84 -7.77
CA HIS A 78 -4.59 15.08 -9.01
C HIS A 78 -5.67 14.01 -9.17
N PRO A 79 -6.89 14.40 -9.51
CA PRO A 79 -8.02 13.43 -9.70
C PRO A 79 -7.74 12.43 -10.81
N ASN A 80 -6.82 12.78 -11.72
CA ASN A 80 -6.46 11.91 -12.83
C ASN A 80 -5.26 11.05 -12.46
N GLN A 81 -4.97 10.96 -11.16
CA GLN A 81 -3.84 10.16 -10.66
C GLN A 81 -4.26 9.34 -9.44
N ILE A 82 -4.06 8.03 -9.54
CA ILE A 82 -4.43 7.10 -8.46
C ILE A 82 -3.30 7.02 -7.43
N GLY A 83 -3.46 6.13 -6.45
CA GLY A 83 -2.46 5.96 -5.41
C GLY A 83 -3.04 5.22 -4.21
N LEU A 84 -2.17 4.86 -3.26
CA LEU A 84 -2.63 4.13 -2.08
C LEU A 84 -3.30 5.07 -1.09
N GLY A 85 -2.53 5.66 -0.19
CA GLY A 85 -3.10 6.57 0.80
C GLY A 85 -2.02 7.14 1.71
N VAL A 86 -0.80 6.57 1.62
CA VAL A 86 0.35 7.02 2.44
C VAL A 86 1.37 7.72 1.57
N THR A 87 2.37 8.35 2.20
CA THR A 87 3.41 9.08 1.47
C THR A 87 4.51 8.13 0.99
N MET A 1 15.64 -8.91 8.99
CA MET A 1 16.69 -9.47 9.88
C MET A 1 17.50 -10.50 9.11
N ASN A 2 18.68 -10.09 8.64
CA ASN A 2 19.54 -10.98 7.88
C ASN A 2 18.82 -11.53 6.64
N GLU A 3 19.35 -11.22 5.45
CA GLU A 3 18.76 -11.68 4.20
C GLU A 3 17.26 -11.36 4.16
N ALA A 4 16.94 -10.07 4.17
CA ALA A 4 15.55 -9.62 4.13
C ALA A 4 15.46 -8.13 3.86
N LYS A 5 14.25 -7.64 3.53
CA LYS A 5 14.03 -6.21 3.25
C LYS A 5 12.76 -5.70 3.96
N GLY A 6 11.73 -5.36 3.18
CA GLY A 6 10.46 -4.86 3.71
C GLY A 6 10.28 -3.37 3.41
N VAL A 7 9.33 -3.05 2.54
CA VAL A 7 9.07 -1.65 2.19
C VAL A 7 8.68 -0.86 3.45
N TYR A 8 9.66 -0.19 4.02
CA TYR A 8 9.45 0.59 5.25
C TYR A 8 8.42 1.69 5.04
N VAL A 9 7.27 1.58 5.71
CA VAL A 9 6.21 2.57 5.61
C VAL A 9 6.54 3.77 6.49
N MET A 10 6.44 4.98 5.93
CA MET A 10 6.75 6.20 6.68
C MET A 10 5.57 6.62 7.56
N SER A 11 4.50 7.14 6.93
CA SER A 11 3.33 7.63 7.69
C SER A 11 2.05 7.05 7.12
N VAL A 12 0.99 7.13 7.94
CA VAL A 12 -0.34 6.63 7.55
C VAL A 12 -1.35 7.75 7.70
N LEU A 13 -2.16 7.95 6.66
CA LEU A 13 -3.17 9.01 6.68
C LEU A 13 -4.50 8.53 7.28
N PRO A 14 -4.91 9.06 8.42
CA PRO A 14 -6.20 8.68 9.05
C PRO A 14 -7.38 8.80 8.08
N ASN A 15 -7.21 9.59 7.01
CA ASN A 15 -8.27 9.80 6.02
C ASN A 15 -8.07 8.91 4.80
N MET A 16 -7.32 7.81 4.98
CA MET A 16 -7.07 6.88 3.88
C MET A 16 -7.58 5.47 4.22
N PRO A 17 -7.80 4.64 3.22
CA PRO A 17 -8.31 3.25 3.42
C PRO A 17 -7.36 2.40 4.28
N ALA A 18 -6.08 2.78 4.34
CA ALA A 18 -5.09 2.00 5.11
C ALA A 18 -5.20 2.28 6.61
N ALA A 19 -5.92 3.34 6.96
CA ALA A 19 -6.08 3.70 8.37
C ALA A 19 -6.90 2.65 9.10
N GLY A 20 -6.42 2.22 10.27
CA GLY A 20 -7.10 1.20 11.08
C GLY A 20 -6.68 -0.20 10.65
N ARG A 21 -6.14 -0.32 9.44
CA ARG A 21 -5.70 -1.60 8.90
C ARG A 21 -4.17 -1.69 8.94
N LEU A 22 -3.52 -0.58 8.57
CA LEU A 22 -2.05 -0.52 8.55
C LEU A 22 -1.56 0.59 9.47
N GLU A 23 -0.31 0.45 9.92
CA GLU A 23 0.29 1.43 10.83
C GLU A 23 1.74 1.72 10.44
N ALA A 24 2.20 2.90 10.85
CA ALA A 24 3.56 3.32 10.56
C ALA A 24 4.54 2.32 11.18
N GLY A 25 5.55 1.92 10.40
CA GLY A 25 6.56 0.96 10.86
C GLY A 25 6.36 -0.39 10.19
N ASP A 26 5.12 -0.67 9.78
CA ASP A 26 4.80 -1.94 9.11
C ASP A 26 5.41 -1.96 7.72
N ARG A 27 5.85 -3.15 7.28
CA ARG A 27 6.47 -3.32 5.96
C ARG A 27 5.55 -4.13 5.04
N ILE A 28 5.68 -3.90 3.74
CA ILE A 28 4.87 -4.62 2.75
C ILE A 28 5.64 -5.82 2.23
N ALA A 29 5.07 -7.01 2.44
CA ALA A 29 5.70 -8.24 1.99
C ALA A 29 5.19 -8.65 0.60
N ALA A 30 4.06 -8.07 0.20
CA ALA A 30 3.47 -8.39 -1.11
C ALA A 30 2.13 -7.72 -1.27
N ILE A 31 1.66 -7.66 -2.52
CA ILE A 31 0.36 -7.07 -2.85
C ILE A 31 -0.37 -7.98 -3.84
N ASP A 32 -1.59 -8.35 -3.48
CA ASP A 32 -2.42 -9.21 -4.33
C ASP A 32 -1.65 -10.44 -4.79
N GLY A 33 -0.56 -10.74 -4.09
CA GLY A 33 0.28 -11.90 -4.40
C GLY A 33 1.55 -11.52 -5.12
N GLN A 34 1.69 -10.23 -5.47
CA GLN A 34 2.88 -9.73 -6.17
C GLN A 34 3.94 -9.21 -5.20
N PRO A 35 5.05 -9.90 -5.02
CA PRO A 35 6.14 -9.43 -4.10
C PRO A 35 6.69 -8.05 -4.52
N ILE A 36 6.82 -7.16 -3.54
CA ILE A 36 7.30 -5.79 -3.80
C ILE A 36 8.78 -5.62 -3.42
N ASN A 37 9.58 -5.34 -4.43
CA ASN A 37 11.03 -5.14 -4.26
C ASN A 37 11.41 -3.67 -4.43
N THR A 38 10.58 -2.91 -5.15
CA THR A 38 10.85 -1.48 -5.37
C THR A 38 9.58 -0.65 -5.21
N SER A 39 9.75 0.62 -4.89
CA SER A 39 8.63 1.52 -4.74
C SER A 39 7.98 1.76 -6.10
N GLU A 40 8.81 1.76 -7.15
CA GLU A 40 8.33 1.98 -8.50
C GLU A 40 7.34 0.89 -8.89
N GLN A 41 7.53 -0.30 -8.36
CA GLN A 41 6.65 -1.40 -8.68
C GLN A 41 5.22 -1.07 -8.23
N ILE A 42 5.10 -0.28 -7.17
CA ILE A 42 3.80 0.11 -6.65
C ILE A 42 3.12 1.09 -7.60
N VAL A 43 3.92 1.87 -8.30
CA VAL A 43 3.38 2.86 -9.24
C VAL A 43 2.70 2.15 -10.40
N SER A 44 3.34 1.10 -10.92
CA SER A 44 2.76 0.35 -12.03
C SER A 44 1.48 -0.34 -11.57
N TYR A 45 1.53 -0.91 -10.36
CA TYR A 45 0.38 -1.63 -9.82
C TYR A 45 -0.84 -0.70 -9.75
N VAL A 46 -0.72 0.43 -9.05
CA VAL A 46 -1.83 1.37 -8.93
C VAL A 46 -2.34 1.74 -10.34
N ARG A 47 -1.42 1.94 -11.26
CA ARG A 47 -1.77 2.30 -12.63
C ARG A 47 -2.53 1.15 -13.32
N GLU A 48 -2.36 -0.06 -12.80
CA GLU A 48 -3.03 -1.21 -13.39
C GLU A 48 -4.54 -1.04 -13.32
N LYS A 49 -5.04 -0.83 -12.09
CA LYS A 49 -6.47 -0.66 -11.85
C LYS A 49 -6.87 0.82 -11.92
N GLN A 50 -8.04 1.15 -11.40
CA GLN A 50 -8.54 2.53 -11.41
C GLN A 50 -9.27 2.88 -10.12
N ALA A 51 -9.89 4.05 -10.10
CA ALA A 51 -10.62 4.50 -8.92
C ALA A 51 -11.81 3.59 -8.66
N GLY A 52 -11.99 3.20 -7.38
CA GLY A 52 -13.10 2.33 -6.99
C GLY A 52 -12.66 0.88 -6.94
N ASP A 53 -11.39 0.62 -7.28
CA ASP A 53 -10.85 -0.74 -7.26
C ASP A 53 -10.50 -1.18 -5.85
N ARG A 54 -10.36 -2.49 -5.66
CA ARG A 54 -10.01 -3.07 -4.36
C ARG A 54 -8.82 -3.99 -4.52
N VAL A 55 -7.75 -3.70 -3.77
CA VAL A 55 -6.52 -4.50 -3.82
C VAL A 55 -6.13 -5.02 -2.44
N ARG A 56 -5.81 -6.31 -2.42
CA ARG A 56 -5.41 -7.00 -1.19
C ARG A 56 -3.93 -6.75 -0.95
N VAL A 57 -3.62 -6.07 0.16
CA VAL A 57 -2.23 -5.74 0.50
C VAL A 57 -1.72 -6.59 1.66
N THR A 58 -0.54 -7.19 1.50
CA THR A 58 0.06 -8.03 2.54
C THR A 58 1.14 -7.24 3.28
N PHE A 59 1.12 -7.30 4.62
CA PHE A 59 2.14 -6.59 5.42
C PHE A 59 2.43 -7.36 6.70
N ILE A 60 3.64 -7.22 7.25
CA ILE A 60 4.04 -7.92 8.47
C ILE A 60 4.17 -6.94 9.63
N ARG A 61 3.70 -7.38 10.80
CA ARG A 61 3.78 -6.59 12.02
C ARG A 61 4.06 -7.51 13.22
N ASP A 62 5.16 -7.21 13.92
CA ASP A 62 5.56 -7.99 15.10
C ASP A 62 5.60 -9.47 14.80
N ARG A 63 6.11 -9.83 13.62
CA ARG A 63 6.21 -11.23 13.20
C ARG A 63 4.83 -11.82 12.92
N LYS A 64 3.81 -10.96 12.83
CA LYS A 64 2.43 -11.40 12.55
C LYS A 64 1.99 -10.86 11.19
N GLN A 65 1.87 -11.77 10.22
CA GLN A 65 1.45 -11.39 8.87
C GLN A 65 -0.06 -11.15 8.80
N HIS A 66 -0.44 -10.02 8.21
CA HIS A 66 -1.86 -9.67 8.06
C HIS A 66 -2.11 -8.91 6.74
N GLU A 67 -3.27 -9.17 6.14
CA GLU A 67 -3.66 -8.53 4.89
C GLU A 67 -4.44 -7.25 5.16
N ALA A 68 -4.13 -6.21 4.38
CA ALA A 68 -4.77 -4.89 4.51
C ALA A 68 -5.68 -4.62 3.31
N GLU A 69 -6.97 -4.42 3.60
CA GLU A 69 -7.95 -4.14 2.57
C GLU A 69 -7.89 -2.66 2.18
N LEU A 70 -7.24 -2.39 1.05
CA LEU A 70 -7.10 -1.01 0.56
C LEU A 70 -7.92 -0.79 -0.70
N VAL A 71 -8.53 0.40 -0.81
CA VAL A 71 -9.38 0.75 -1.96
C VAL A 71 -8.81 1.99 -2.69
N LEU A 72 -8.71 1.89 -4.00
CA LEU A 72 -8.18 2.98 -4.80
C LEU A 72 -9.09 4.19 -4.75
N LYS A 73 -8.54 5.32 -4.29
CA LYS A 73 -9.31 6.56 -4.18
C LYS A 73 -8.53 7.76 -4.80
N PRO A 74 -9.11 8.47 -5.75
CA PRO A 74 -8.44 9.63 -6.40
C PRO A 74 -8.42 10.87 -5.53
N PHE A 75 -7.89 11.97 -6.08
CA PHE A 75 -7.80 13.25 -5.35
C PHE A 75 -8.60 14.36 -6.06
N PRO A 76 -9.23 15.26 -5.32
CA PRO A 76 -10.02 16.37 -5.92
C PRO A 76 -9.13 17.37 -6.66
N HIS A 77 -7.94 17.62 -6.11
CA HIS A 77 -7.01 18.56 -6.73
C HIS A 77 -6.46 17.98 -8.02
N HIS A 78 -6.18 16.67 -7.99
CA HIS A 78 -5.64 15.97 -9.16
C HIS A 78 -6.28 14.59 -9.31
N PRO A 79 -7.51 14.54 -9.75
CA PRO A 79 -8.25 13.25 -9.96
C PRO A 79 -7.51 12.33 -10.93
N ASN A 80 -6.69 12.93 -11.77
CA ASN A 80 -5.93 12.16 -12.76
C ASN A 80 -5.04 11.14 -12.08
N GLN A 81 -4.80 11.32 -10.77
CA GLN A 81 -3.95 10.40 -10.02
C GLN A 81 -4.80 9.64 -9.01
N ILE A 82 -4.39 8.39 -8.75
CA ILE A 82 -5.10 7.52 -7.82
C ILE A 82 -4.50 7.61 -6.42
N GLY A 83 -5.08 6.87 -5.48
CA GLY A 83 -4.60 6.87 -4.11
C GLY A 83 -3.19 6.30 -4.00
N LEU A 84 -2.32 7.05 -3.32
CA LEU A 84 -0.92 6.63 -3.14
C LEU A 84 -0.72 5.93 -1.80
N GLY A 85 -1.68 6.13 -0.88
CA GLY A 85 -1.60 5.51 0.43
C GLY A 85 -0.46 6.09 1.27
N VAL A 86 0.69 5.42 1.23
CA VAL A 86 1.88 5.84 2.01
C VAL A 86 2.94 6.45 1.08
N THR A 87 3.98 7.01 1.69
CA THR A 87 5.05 7.64 0.91
C THR A 87 5.98 6.59 0.30
#